data_6G86
#
_entry.id   6G86
#
_cell.length_a   75.090
_cell.length_b   94.321
_cell.length_c   127.656
_cell.angle_alpha   90.00
_cell.angle_beta   90.00
_cell.angle_gamma   90.00
#
_symmetry.space_group_name_H-M   'P 21 21 21'
#
loop_
_entity.id
_entity.type
_entity.pdbx_description
1 polymer 'Tyrosine-protein phosphatase CDC14'
2 polymer 'Protein SIC1'
3 non-polymer '2-(N-MORPHOLINO)-ETHANESULFONIC ACID'
4 non-polymer 'HEXAETHYLENE GLYCOL'
5 non-polymer DI(HYDROXYETHYL)ETHER
6 non-polymer 'ZINC ION'
7 water water
#
loop_
_entity_poly.entity_id
_entity_poly.type
_entity_poly.pdbx_seq_one_letter_code
_entity_poly.pdbx_strand_id
1 'polypeptide(L)'
;MRRSVYLDNTIEFLRGRVYLGAYDYTPEDTDELVFFTVEDAIFYNSFHLDFGPMNIGHLYRFAVIFHEILNDPENANKAV
VFYSSASTRQRANAACMLCCYMILVQAWTPHQVLQPLAQVDPPFMPFRDAGYSNADFEITIQDVVYGVWRAKEKGLIDLH
SFNLESYEKYEHVEFGDFNVLTPDFIAFASPQEDHPKGYLATKSSHLNQPFKSVLNFFANNNVQLVVRLNSHLYNKKHFE
DIGIQHLDLIFEDGTCPDLSIVKNFVGAAETIIKRGGKIAVHCKAGLGRTGCLIGAHLIYTYGFTANECIGFLRFIRPGM
VVGPQQHWLYLHQNDFREWKYTTRISLKPSEAIGGLYPLISLEEYRLQKKKLKD
;
A,B
2 'polypeptide(L)' PSTTKSFKNAPLLAPP D,C
#
# COMPACT_ATOMS: atom_id res chain seq x y z
N LEU A 7 -22.35 -18.70 -15.03
CA LEU A 7 -20.95 -18.99 -15.33
C LEU A 7 -20.25 -17.77 -15.92
N ASP A 8 -20.99 -17.00 -16.72
CA ASP A 8 -20.45 -15.79 -17.34
C ASP A 8 -20.53 -14.60 -16.38
N ASN A 9 -19.50 -13.75 -16.41
CA ASN A 9 -19.41 -12.61 -15.48
C ASN A 9 -19.47 -13.06 -14.02
N THR A 10 -18.92 -14.24 -13.73
CA THR A 10 -19.10 -14.88 -12.44
C THR A 10 -17.75 -15.35 -11.91
N ILE A 11 -17.49 -15.08 -10.64
CA ILE A 11 -16.22 -15.37 -9.99
C ILE A 11 -16.45 -16.50 -9.01
N GLU A 12 -15.61 -17.53 -9.08
CA GLU A 12 -15.71 -18.64 -8.15
C GLU A 12 -15.00 -18.33 -6.84
N PHE A 13 -15.74 -18.35 -5.73
CA PHE A 13 -15.11 -18.28 -4.41
C PHE A 13 -14.91 -19.65 -3.78
N LEU A 14 -15.93 -20.50 -3.84
CA LEU A 14 -15.85 -21.88 -3.37
C LEU A 14 -16.53 -22.73 -4.42
N ARG A 15 -15.80 -23.68 -5.01
CA ARG A 15 -16.32 -24.41 -6.14
C ARG A 15 -17.63 -25.09 -5.79
N GLY A 16 -18.62 -24.96 -6.67
CA GLY A 16 -19.94 -25.53 -6.46
C GLY A 16 -20.62 -25.03 -5.21
N ARG A 17 -20.21 -23.88 -4.69
CA ARG A 17 -20.70 -23.48 -3.38
CA ARG A 17 -20.72 -23.48 -3.39
C ARG A 17 -20.99 -21.98 -3.30
N VAL A 18 -20.01 -21.16 -3.66
CA VAL A 18 -20.14 -19.70 -3.49
C VAL A 18 -19.56 -19.00 -4.71
N TYR A 19 -20.37 -18.21 -5.39
CA TYR A 19 -19.98 -17.48 -6.57
C TYR A 19 -20.36 -16.02 -6.39
N LEU A 20 -19.64 -15.14 -7.10
CA LEU A 20 -19.87 -13.71 -7.05
C LEU A 20 -20.11 -13.27 -8.50
N GLY A 21 -21.33 -12.80 -8.78
CA GLY A 21 -21.70 -12.46 -10.14
C GLY A 21 -21.94 -10.97 -10.31
N ALA A 22 -21.97 -10.50 -11.55
CA ALA A 22 -22.30 -9.11 -11.85
C ALA A 22 -23.16 -9.13 -13.10
N TYR A 23 -24.43 -8.79 -12.95
CA TYR A 23 -25.42 -8.97 -14.01
C TYR A 23 -26.30 -7.73 -14.14
N ASP A 24 -26.61 -7.36 -15.36
CA ASP A 24 -27.54 -6.28 -15.67
CA ASP A 24 -27.56 -6.27 -15.58
C ASP A 24 -28.96 -6.79 -15.90
N TYR A 25 -29.16 -8.10 -15.81
CA TYR A 25 -30.43 -8.77 -15.93
C TYR A 25 -30.70 -9.49 -14.61
N THR A 26 -31.90 -9.99 -14.42
CA THR A 26 -32.21 -10.79 -13.24
C THR A 26 -31.99 -12.26 -13.55
N PRO A 27 -30.98 -12.91 -12.97
CA PRO A 27 -30.76 -14.33 -13.24
C PRO A 27 -31.88 -15.17 -12.65
N GLU A 28 -32.10 -16.34 -13.23
CA GLU A 28 -33.14 -17.25 -12.77
C GLU A 28 -32.51 -18.41 -12.00
N ASP A 29 -33.05 -18.69 -10.81
CA ASP A 29 -32.64 -19.86 -10.07
C ASP A 29 -32.87 -21.13 -10.89
N THR A 30 -31.96 -22.10 -10.73
CA THR A 30 -32.12 -23.40 -11.36
C THR A 30 -32.03 -24.46 -10.30
N ASP A 31 -32.02 -25.74 -10.70
CA ASP A 31 -31.90 -26.81 -9.72
C ASP A 31 -30.52 -26.87 -9.11
N GLU A 32 -29.53 -26.22 -9.72
CA GLU A 32 -28.17 -26.24 -9.19
C GLU A 32 -27.72 -24.91 -8.60
N LEU A 33 -28.46 -23.82 -8.84
CA LEU A 33 -28.00 -22.47 -8.52
C LEU A 33 -29.11 -21.66 -7.87
N VAL A 34 -28.78 -20.92 -6.82
CA VAL A 34 -29.66 -19.90 -6.27
C VAL A 34 -28.90 -18.58 -6.31
N PHE A 35 -29.58 -17.52 -6.77
CA PHE A 35 -29.00 -16.18 -6.92
C PHE A 35 -29.61 -15.22 -5.91
N PHE A 36 -28.79 -14.33 -5.36
CA PHE A 36 -29.34 -13.25 -4.57
C PHE A 36 -28.48 -12.01 -4.70
N THR A 37 -29.16 -10.86 -4.69
CA THR A 37 -28.52 -9.57 -4.60
C THR A 37 -29.10 -8.83 -3.40
N VAL A 38 -28.28 -8.00 -2.75
CA VAL A 38 -28.77 -7.19 -1.63
C VAL A 38 -28.84 -5.72 -2.00
N GLU A 39 -28.67 -5.38 -3.27
CA GLU A 39 -28.61 -3.96 -3.64
C GLU A 39 -29.86 -3.18 -3.26
N ASP A 40 -31.01 -3.84 -3.19
CA ASP A 40 -32.26 -3.21 -2.78
C ASP A 40 -32.46 -3.18 -1.28
N ALA A 41 -31.57 -3.78 -0.50
CA ALA A 41 -31.76 -3.94 0.93
C ALA A 41 -30.65 -3.31 1.74
N ILE A 42 -29.43 -3.32 1.24
CA ILE A 42 -28.26 -2.84 1.97
C ILE A 42 -27.62 -1.79 1.07
N PHE A 43 -27.69 -0.53 1.48
CA PHE A 43 -27.27 0.63 0.68
CA PHE A 43 -27.12 0.50 0.62
C PHE A 43 -26.19 1.40 1.41
N TYR A 44 -25.19 1.89 0.69
CA TYR A 44 -24.23 2.82 1.23
C TYR A 44 -24.79 4.24 1.11
N ASN A 45 -24.72 5.00 2.20
CA ASN A 45 -25.17 6.40 2.23
C ASN A 45 -23.98 7.31 1.94
N SER A 46 -23.95 7.88 0.74
CA SER A 46 -22.81 8.69 0.30
CA SER A 46 -22.81 8.67 0.31
C SER A 46 -22.85 10.08 0.92
N PHE A 47 -21.70 10.54 1.40
CA PHE A 47 -21.59 11.96 1.77
C PHE A 47 -21.52 12.83 0.53
N HIS A 48 -20.65 12.48 -0.42
CA HIS A 48 -20.52 13.27 -1.63
C HIS A 48 -20.39 12.33 -2.82
N LEU A 49 -19.15 11.97 -3.19
CA LEU A 49 -18.92 11.03 -4.28
C LEU A 49 -18.27 9.71 -3.81
N ASP A 50 -17.99 9.58 -2.51
CA ASP A 50 -17.71 8.27 -1.92
C ASP A 50 -18.87 7.32 -2.21
N PHE A 51 -18.56 6.04 -2.41
CA PHE A 51 -19.62 5.06 -2.73
C PHE A 51 -19.49 3.79 -1.92
N GLY A 52 -18.42 3.66 -1.10
CA GLY A 52 -18.11 2.46 -0.35
C GLY A 52 -16.76 2.63 0.34
N PRO A 53 -16.28 1.60 1.03
CA PRO A 53 -16.87 0.26 1.12
C PRO A 53 -18.07 0.20 2.05
N MET A 54 -18.82 -0.90 1.98
CA MET A 54 -19.89 -1.14 2.94
C MET A 54 -19.33 -1.31 4.34
N ASN A 55 -20.10 -0.90 5.33
CA ASN A 55 -19.58 -0.84 6.69
C ASN A 55 -19.92 -2.12 7.45
N ILE A 56 -19.49 -2.16 8.72
CA ILE A 56 -19.60 -3.38 9.51
C ILE A 56 -21.05 -3.75 9.77
N GLY A 57 -21.92 -2.76 9.95
CA GLY A 57 -23.34 -3.08 10.08
C GLY A 57 -23.92 -3.67 8.81
N HIS A 58 -23.58 -3.08 7.66
CA HIS A 58 -23.97 -3.69 6.38
C HIS A 58 -23.48 -5.11 6.29
N LEU A 59 -22.21 -5.32 6.64
CA LEU A 59 -21.64 -6.66 6.54
C LEU A 59 -22.38 -7.61 7.45
N TYR A 60 -22.71 -7.16 8.67
CA TYR A 60 -23.46 -8.02 9.58
C TYR A 60 -24.80 -8.40 8.98
N ARG A 61 -25.51 -7.45 8.38
CA ARG A 61 -26.79 -7.77 7.76
C ARG A 61 -26.62 -8.65 6.53
N PHE A 62 -25.54 -8.44 5.76
CA PHE A 62 -25.27 -9.38 4.66
C PHE A 62 -25.10 -10.80 5.18
N ALA A 63 -24.41 -10.95 6.31
CA ALA A 63 -24.16 -12.29 6.84
C ALA A 63 -25.47 -12.97 7.20
N VAL A 64 -26.38 -12.22 7.83
CA VAL A 64 -27.70 -12.77 8.18
C VAL A 64 -28.43 -13.27 6.94
N ILE A 65 -28.45 -12.45 5.89
CA ILE A 65 -29.10 -12.82 4.64
C ILE A 65 -28.42 -14.05 4.01
N PHE A 66 -27.09 -13.98 3.89
CA PHE A 66 -26.30 -15.06 3.30
C PHE A 66 -26.58 -16.38 4.01
N HIS A 67 -26.56 -16.36 5.34
CA HIS A 67 -26.76 -17.58 6.10
C HIS A 67 -28.19 -18.09 5.92
N GLU A 68 -29.16 -17.18 5.85
CA GLU A 68 -30.54 -17.61 5.69
C GLU A 68 -30.72 -18.33 4.34
N ILE A 69 -30.08 -17.83 3.30
CA ILE A 69 -30.15 -18.49 2.01
C ILE A 69 -29.38 -19.80 2.02
N LEU A 70 -28.18 -19.80 2.60
CA LEU A 70 -27.39 -21.02 2.70
C LEU A 70 -28.14 -22.10 3.46
N ASN A 71 -28.92 -21.70 4.46
CA ASN A 71 -29.57 -22.65 5.34
C ASN A 71 -30.96 -23.06 4.87
N ASP A 72 -31.44 -22.49 3.79
CA ASP A 72 -32.75 -22.86 3.30
C ASP A 72 -32.70 -24.28 2.76
N PRO A 73 -33.58 -25.19 3.22
CA PRO A 73 -33.54 -26.59 2.73
C PRO A 73 -33.56 -26.72 1.23
N GLU A 74 -34.32 -25.86 0.54
CA GLU A 74 -34.38 -25.94 -0.92
C GLU A 74 -33.01 -25.71 -1.56
N ASN A 75 -32.09 -25.01 -0.89
CA ASN A 75 -30.79 -24.72 -1.46
C ASN A 75 -29.71 -25.72 -1.02
N ALA A 76 -30.10 -26.82 -0.35
CA ALA A 76 -29.13 -27.72 0.24
C ALA A 76 -28.12 -28.23 -0.77
N ASN A 77 -28.53 -28.44 -2.01
CA ASN A 77 -27.62 -28.99 -3.01
C ASN A 77 -27.34 -27.99 -4.13
N LYS A 78 -27.37 -26.70 -3.82
CA LYS A 78 -27.16 -25.66 -4.82
C LYS A 78 -25.94 -24.84 -4.46
N ALA A 79 -25.28 -24.31 -5.47
CA ALA A 79 -24.32 -23.24 -5.25
C ALA A 79 -25.08 -21.93 -5.10
N VAL A 80 -24.55 -21.04 -4.24
CA VAL A 80 -25.15 -19.73 -4.04
C VAL A 80 -24.33 -18.72 -4.85
N VAL A 81 -25.02 -17.93 -5.67
CA VAL A 81 -24.41 -16.86 -6.45
C VAL A 81 -24.88 -15.53 -5.87
N PHE A 82 -23.99 -14.85 -5.16
CA PHE A 82 -24.25 -13.48 -4.70
C PHE A 82 -23.92 -12.54 -5.85
N TYR A 83 -24.82 -11.61 -6.20
CA TYR A 83 -24.51 -10.76 -7.34
C TYR A 83 -24.88 -9.30 -7.09
N SER A 84 -24.30 -8.44 -7.92
CA SER A 84 -24.61 -7.02 -7.99
C SER A 84 -24.97 -6.71 -9.44
N SER A 85 -25.32 -5.44 -9.69
CA SER A 85 -25.40 -4.91 -11.04
C SER A 85 -23.98 -4.75 -11.60
N ALA A 86 -23.91 -4.33 -12.85
CA ALA A 86 -22.64 -4.33 -13.56
C ALA A 86 -21.78 -3.10 -13.30
N SER A 87 -22.23 -2.15 -12.48
CA SER A 87 -21.42 -0.95 -12.31
C SER A 87 -20.17 -1.30 -11.51
N THR A 88 -19.07 -0.64 -11.85
CA THR A 88 -17.81 -0.99 -11.20
C THR A 88 -17.81 -0.59 -9.74
N ARG A 89 -18.63 0.40 -9.39
CA ARG A 89 -18.80 0.77 -7.98
C ARG A 89 -19.62 -0.28 -7.24
N GLN A 90 -20.76 -0.69 -7.81
CA GLN A 90 -21.56 -1.71 -7.15
C GLN A 90 -20.79 -3.02 -7.05
N ARG A 91 -20.01 -3.36 -8.09
CA ARG A 91 -19.24 -4.58 -8.04
C ARG A 91 -18.17 -4.51 -6.96
N ALA A 92 -17.51 -3.36 -6.82
CA ALA A 92 -16.50 -3.23 -5.77
C ALA A 92 -17.12 -3.42 -4.39
N ASN A 93 -18.30 -2.83 -4.17
CA ASN A 93 -18.94 -2.98 -2.86
C ASN A 93 -19.30 -4.42 -2.56
N ALA A 94 -19.88 -5.11 -3.55
CA ALA A 94 -20.28 -6.51 -3.35
C ALA A 94 -19.05 -7.39 -3.08
N ALA A 95 -18.02 -7.24 -3.88
CA ALA A 95 -16.83 -8.09 -3.70
C ALA A 95 -16.16 -7.80 -2.37
N CYS A 96 -16.03 -6.53 -2.01
CA CYS A 96 -15.38 -6.22 -0.75
C CYS A 96 -16.18 -6.78 0.42
N MET A 97 -17.51 -6.66 0.37
CA MET A 97 -18.34 -7.20 1.44
C MET A 97 -18.22 -8.72 1.54
N LEU A 98 -18.23 -9.41 0.41
CA LEU A 98 -18.06 -10.86 0.46
C LEU A 98 -16.69 -11.24 1.03
N CYS A 99 -15.64 -10.47 0.68
CA CYS A 99 -14.32 -10.73 1.26
C CYS A 99 -14.32 -10.48 2.76
N CYS A 100 -14.89 -9.35 3.18
CA CYS A 100 -15.00 -9.06 4.62
C CYS A 100 -15.78 -10.14 5.35
N TYR A 101 -16.84 -10.67 4.73
CA TYR A 101 -17.55 -11.80 5.32
C TYR A 101 -16.60 -12.99 5.53
N MET A 102 -15.83 -13.35 4.49
CA MET A 102 -14.96 -14.51 4.63
C MET A 102 -13.89 -14.28 5.70
N ILE A 103 -13.36 -13.04 5.77
CA ILE A 103 -12.37 -12.71 6.78
C ILE A 103 -12.96 -12.81 8.18
N LEU A 104 -14.11 -12.17 8.40
CA LEU A 104 -14.62 -11.99 9.75
C LEU A 104 -15.42 -13.19 10.25
N VAL A 105 -16.13 -13.89 9.37
CA VAL A 105 -17.02 -14.98 9.77
C VAL A 105 -16.37 -16.34 9.52
N GLN A 106 -15.61 -16.49 8.45
CA GLN A 106 -15.09 -17.79 8.04
C GLN A 106 -13.58 -17.91 8.25
N ALA A 107 -12.94 -16.87 8.79
CA ALA A 107 -11.52 -16.89 9.17
C ALA A 107 -10.59 -17.14 7.97
N TRP A 108 -11.01 -16.74 6.76
CA TRP A 108 -10.07 -16.74 5.66
C TRP A 108 -8.99 -15.69 5.90
N THR A 109 -7.83 -15.87 5.25
CA THR A 109 -6.81 -14.84 5.30
C THR A 109 -6.88 -13.97 4.04
N PRO A 110 -6.22 -12.81 4.05
CA PRO A 110 -6.33 -11.90 2.90
C PRO A 110 -5.95 -12.54 1.59
N HIS A 111 -4.84 -13.27 1.52
CA HIS A 111 -4.49 -13.82 0.23
C HIS A 111 -5.55 -14.80 -0.26
N GLN A 112 -6.28 -15.43 0.66
CA GLN A 112 -7.32 -16.38 0.24
C GLN A 112 -8.54 -15.67 -0.34
N VAL A 113 -8.93 -14.53 0.24
CA VAL A 113 -10.10 -13.86 -0.30
C VAL A 113 -9.74 -13.01 -1.52
N LEU A 114 -8.46 -12.65 -1.69
CA LEU A 114 -8.08 -11.77 -2.79
C LEU A 114 -7.84 -12.54 -4.09
N GLN A 115 -7.44 -13.79 -3.99
CA GLN A 115 -7.14 -14.57 -5.19
C GLN A 115 -8.30 -14.62 -6.17
N PRO A 116 -9.56 -14.82 -5.76
CA PRO A 116 -10.65 -14.80 -6.73
C PRO A 116 -10.87 -13.46 -7.40
N LEU A 117 -10.48 -12.36 -6.76
CA LEU A 117 -10.76 -11.04 -7.31
C LEU A 117 -9.65 -10.48 -8.19
N ALA A 118 -8.46 -11.07 -8.17
CA ALA A 118 -7.33 -10.42 -8.83
C ALA A 118 -7.50 -10.47 -10.35
N GLN A 119 -7.21 -9.35 -11.00
CA GLN A 119 -7.16 -9.26 -12.47
C GLN A 119 -8.52 -9.51 -13.10
N VAL A 120 -9.62 -9.24 -12.40
CA VAL A 120 -10.92 -9.35 -13.02
CA VAL A 120 -10.91 -9.36 -13.04
C VAL A 120 -11.08 -8.22 -14.03
N ASP A 121 -11.70 -8.51 -15.17
CA ASP A 121 -11.93 -7.45 -16.16
C ASP A 121 -13.44 -7.37 -16.39
N PRO A 122 -14.05 -6.19 -16.29
CA PRO A 122 -13.40 -4.92 -15.98
C PRO A 122 -13.04 -4.89 -14.48
N PRO A 123 -12.04 -4.10 -14.12
CA PRO A 123 -11.63 -4.00 -12.72
C PRO A 123 -12.71 -3.34 -11.86
N PHE A 124 -12.56 -3.52 -10.55
CA PHE A 124 -13.42 -2.85 -9.57
C PHE A 124 -13.00 -1.40 -9.44
N MET A 125 -13.98 -0.53 -9.19
CA MET A 125 -13.65 0.87 -8.91
C MET A 125 -12.95 0.99 -7.56
N PRO A 126 -11.74 1.56 -7.49
CA PRO A 126 -11.12 1.80 -6.19
C PRO A 126 -11.95 2.77 -5.36
N PHE A 127 -11.80 2.70 -4.02
CA PHE A 127 -12.61 3.55 -3.15
C PHE A 127 -12.00 4.94 -2.98
N ARG A 128 -12.85 5.98 -3.01
CA ARG A 128 -12.41 7.35 -2.81
C ARG A 128 -12.93 7.90 -1.49
N ASP A 129 -12.41 9.07 -1.12
CA ASP A 129 -12.80 9.72 0.13
C ASP A 129 -14.16 10.42 -0.02
N ALA A 130 -14.60 11.02 1.09
CA ALA A 130 -15.93 11.63 1.25
C ALA A 130 -15.92 13.15 1.09
N GLY A 131 -14.79 13.74 0.74
CA GLY A 131 -14.70 15.19 0.66
C GLY A 131 -15.12 15.75 -0.72
N TYR A 132 -15.01 17.06 -0.83
CA TYR A 132 -15.52 17.76 -2.00
C TYR A 132 -14.49 18.00 -3.09
N SER A 133 -13.20 18.05 -2.75
CA SER A 133 -12.20 18.19 -3.79
C SER A 133 -12.17 16.93 -4.64
N ASN A 134 -11.65 17.09 -5.87
CA ASN A 134 -11.44 15.96 -6.75
C ASN A 134 -10.59 14.90 -6.08
N ALA A 135 -10.95 13.64 -6.30
CA ALA A 135 -10.23 12.55 -5.66
C ALA A 135 -8.79 12.54 -6.15
N ASP A 136 -7.86 12.25 -5.23
CA ASP A 136 -6.46 12.12 -5.62
C ASP A 136 -5.77 11.03 -4.81
N PHE A 137 -6.54 10.16 -4.16
CA PHE A 137 -6.02 9.09 -3.33
C PHE A 137 -7.06 7.99 -3.33
N GLU A 138 -6.61 6.75 -3.50
CA GLU A 138 -7.56 5.66 -3.60
C GLU A 138 -7.11 4.55 -2.67
N ILE A 139 -8.06 3.85 -2.06
CA ILE A 139 -7.71 2.60 -1.39
C ILE A 139 -8.42 1.48 -2.13
N THR A 140 -7.85 0.28 -2.06
CA THR A 140 -8.36 -0.84 -2.84
C THR A 140 -9.05 -1.84 -1.92
N ILE A 141 -9.69 -2.84 -2.54
CA ILE A 141 -10.20 -3.97 -1.77
C ILE A 141 -9.06 -4.63 -1.01
N GLN A 142 -7.89 -4.73 -1.62
CA GLN A 142 -6.74 -5.32 -0.93
C GLN A 142 -6.41 -4.55 0.35
N ASP A 143 -6.45 -3.22 0.29
CA ASP A 143 -6.21 -2.42 1.49
C ASP A 143 -7.28 -2.67 2.54
N VAL A 144 -8.56 -2.67 2.13
CA VAL A 144 -9.64 -2.82 3.10
C VAL A 144 -9.55 -4.18 3.76
N VAL A 145 -9.41 -5.23 2.94
CA VAL A 145 -9.32 -6.59 3.44
C VAL A 145 -8.17 -6.72 4.43
N TYR A 146 -6.97 -6.22 4.06
CA TYR A 146 -5.85 -6.32 5.02
C TYR A 146 -6.13 -5.52 6.28
N GLY A 147 -6.78 -4.36 6.15
CA GLY A 147 -7.05 -3.56 7.33
C GLY A 147 -8.06 -4.20 8.26
N VAL A 148 -9.13 -4.77 7.68
CA VAL A 148 -10.14 -5.44 8.50
C VAL A 148 -9.58 -6.70 9.12
N TRP A 149 -8.79 -7.45 8.35
CA TRP A 149 -8.16 -8.64 8.89
C TRP A 149 -7.23 -8.29 10.06
N ARG A 150 -6.35 -7.30 9.86
CA ARG A 150 -5.44 -6.91 10.95
C ARG A 150 -6.22 -6.45 12.17
N ALA A 151 -7.25 -5.63 11.96
CA ALA A 151 -8.08 -5.18 13.10
C ALA A 151 -8.70 -6.37 13.84
N LYS A 152 -9.20 -7.37 13.10
CA LYS A 152 -9.72 -8.57 13.75
C LYS A 152 -8.63 -9.29 14.52
N GLU A 153 -7.46 -9.47 13.90
CA GLU A 153 -6.34 -10.14 14.58
C GLU A 153 -5.91 -9.39 15.84
N LYS A 154 -6.04 -8.07 15.87
CA LYS A 154 -5.66 -7.32 17.06
C LYS A 154 -6.79 -7.22 18.07
N GLY A 155 -7.93 -7.87 17.82
CA GLY A 155 -9.05 -7.80 18.75
C GLY A 155 -9.88 -6.56 18.66
N LEU A 156 -9.78 -5.80 17.58
CA LEU A 156 -10.53 -4.55 17.48
C LEU A 156 -11.92 -4.72 16.86
N ILE A 157 -12.15 -5.84 16.17
CA ILE A 157 -13.45 -6.19 15.60
C ILE A 157 -13.86 -7.53 16.18
N ASP A 158 -15.10 -7.64 16.64
CA ASP A 158 -15.56 -8.93 17.17
C ASP A 158 -17.04 -9.07 16.82
N LEU A 159 -17.34 -9.82 15.76
CA LEU A 159 -18.73 -9.95 15.37
C LEU A 159 -19.56 -10.71 16.39
N HIS A 160 -18.93 -11.49 17.28
CA HIS A 160 -19.71 -12.22 18.28
CA HIS A 160 -19.70 -12.22 18.29
C HIS A 160 -20.40 -11.25 19.24
N SER A 161 -19.72 -10.19 19.65
CA SER A 161 -20.30 -9.23 20.56
C SER A 161 -20.88 -8.01 19.86
N PHE A 162 -20.82 -7.95 18.53
CA PHE A 162 -21.24 -6.75 17.82
C PHE A 162 -22.74 -6.51 17.98
N ASN A 163 -23.09 -5.27 18.34
CA ASN A 163 -24.47 -4.90 18.62
C ASN A 163 -24.97 -4.05 17.45
N LEU A 164 -25.68 -4.69 16.54
CA LEU A 164 -26.11 -4.02 15.30
C LEU A 164 -27.06 -2.87 15.61
N GLU A 165 -28.00 -3.10 16.52
CA GLU A 165 -28.96 -2.05 16.87
CA GLU A 165 -28.96 -2.06 16.88
C GLU A 165 -28.26 -0.83 17.45
N SER A 166 -27.31 -1.04 18.35
CA SER A 166 -26.59 0.08 18.93
C SER A 166 -25.80 0.82 17.84
N TYR A 167 -25.11 0.05 16.99
CA TYR A 167 -24.34 0.61 15.89
C TYR A 167 -25.20 1.51 15.01
N GLU A 168 -26.35 1.00 14.55
CA GLU A 168 -27.16 1.76 13.61
C GLU A 168 -27.83 2.95 14.28
N LYS A 169 -28.21 2.80 15.54
CA LYS A 169 -28.86 3.90 16.22
C LYS A 169 -27.93 5.11 16.31
N TYR A 170 -26.73 4.90 16.87
CA TYR A 170 -25.91 6.04 17.24
C TYR A 170 -25.24 6.72 16.05
N GLU A 171 -25.20 6.05 14.91
CA GLU A 171 -24.79 6.70 13.67
C GLU A 171 -25.69 7.85 13.30
N HIS A 172 -26.96 7.78 13.70
CA HIS A 172 -27.91 8.81 13.32
C HIS A 172 -27.59 10.15 13.97
N VAL A 173 -27.70 11.21 13.16
CA VAL A 173 -27.53 12.57 13.65
C VAL A 173 -28.36 12.81 14.90
N GLU A 174 -29.63 12.38 14.88
CA GLU A 174 -30.49 12.72 16.00
C GLU A 174 -30.10 12.03 17.28
N PHE A 175 -29.21 11.03 17.23
CA PHE A 175 -28.72 10.35 18.42
C PHE A 175 -27.24 10.61 18.70
N GLY A 176 -26.61 11.50 17.95
CA GLY A 176 -25.28 11.99 18.29
C GLY A 176 -24.21 11.71 17.25
N ASP A 177 -24.53 10.97 16.18
CA ASP A 177 -23.62 10.75 15.08
C ASP A 177 -22.24 10.29 15.55
N PHE A 178 -22.21 9.12 16.17
CA PHE A 178 -20.95 8.61 16.65
C PHE A 178 -20.84 7.12 16.36
N ASN A 179 -19.58 6.64 16.39
CA ASN A 179 -19.26 5.22 16.33
C ASN A 179 -18.19 4.93 17.37
N VAL A 180 -18.42 3.87 18.15
CA VAL A 180 -17.33 3.23 18.86
C VAL A 180 -16.43 2.57 17.82
N LEU A 181 -15.18 3.03 17.71
CA LEU A 181 -14.31 2.48 16.68
C LEU A 181 -13.55 1.24 17.16
N THR A 182 -13.07 1.28 18.39
CA THR A 182 -12.27 0.23 19.01
C THR A 182 -12.61 0.22 20.48
N PRO A 183 -12.06 -0.72 21.25
CA PRO A 183 -12.30 -0.66 22.70
C PRO A 183 -11.75 0.61 23.34
N ASP A 184 -10.86 1.35 22.66
CA ASP A 184 -10.33 2.56 23.27
C ASP A 184 -10.94 3.87 22.77
N PHE A 185 -11.56 3.89 21.60
CA PHE A 185 -11.88 5.16 20.93
C PHE A 185 -13.32 5.24 20.45
N ILE A 186 -13.90 6.43 20.59
CA ILE A 186 -15.14 6.81 19.95
C ILE A 186 -14.85 8.00 19.05
N ALA A 187 -15.41 8.02 17.85
CA ALA A 187 -15.34 9.17 16.96
C ALA A 187 -16.74 9.73 16.84
N PHE A 188 -16.89 11.05 16.99
CA PHE A 188 -18.24 11.61 16.94
C PHE A 188 -18.22 12.99 16.31
N ALA A 189 -19.39 13.41 15.82
CA ALA A 189 -19.54 14.79 15.36
C ALA A 189 -19.69 15.71 16.57
N SER A 190 -19.26 16.95 16.43
CA SER A 190 -19.36 17.88 17.54
C SER A 190 -20.81 18.01 18.00
N PRO A 191 -21.08 17.94 19.31
CA PRO A 191 -22.38 18.40 19.79
C PRO A 191 -22.58 19.88 19.46
N GLN A 192 -23.84 20.31 19.51
CA GLN A 192 -24.17 21.72 19.33
C GLN A 192 -25.21 22.08 20.38
N GLU A 193 -25.17 23.33 20.85
CA GLU A 193 -26.18 23.77 21.80
C GLU A 193 -26.28 25.28 21.78
N ASP A 194 -27.35 25.77 22.39
CA ASP A 194 -27.43 27.18 22.76
CA ASP A 194 -27.47 27.18 22.76
C ASP A 194 -27.39 27.23 24.28
N HIS A 195 -26.22 27.54 24.81
CA HIS A 195 -26.00 27.52 26.25
C HIS A 195 -26.52 28.82 26.85
N PRO A 196 -27.39 28.77 27.86
CA PRO A 196 -28.09 29.98 28.28
C PRO A 196 -27.14 31.02 28.84
N LYS A 197 -27.44 32.29 28.55
CA LYS A 197 -26.59 33.39 28.98
C LYS A 197 -27.16 34.05 30.24
N SER A 205 -33.88 23.83 30.82
CA SER A 205 -33.14 22.61 30.49
C SER A 205 -32.98 22.53 28.97
N HIS A 206 -31.79 22.89 28.51
CA HIS A 206 -31.61 23.39 27.15
C HIS A 206 -30.91 22.42 26.21
N LEU A 207 -30.42 21.28 26.68
CA LEU A 207 -29.67 20.40 25.78
C LEU A 207 -30.61 19.69 24.81
N ASN A 208 -30.17 19.54 23.57
CA ASN A 208 -30.98 18.84 22.59
C ASN A 208 -30.79 17.33 22.71
N GLN A 209 -31.65 16.60 21.99
CA GLN A 209 -31.66 15.14 22.09
C GLN A 209 -30.33 14.52 21.72
N PRO A 210 -29.67 14.91 20.61
CA PRO A 210 -28.37 14.28 20.32
C PRO A 210 -27.32 14.55 21.39
N PHE A 211 -27.31 15.73 22.00
CA PHE A 211 -26.31 16.00 23.04
C PHE A 211 -26.57 15.13 24.28
N LYS A 212 -27.84 15.06 24.71
CA LYS A 212 -28.16 14.21 25.85
C LYS A 212 -27.83 12.75 25.55
N SER A 213 -28.06 12.32 24.31
CA SER A 213 -27.75 10.93 23.96
C SER A 213 -26.26 10.65 24.06
N VAL A 214 -25.43 11.58 23.58
CA VAL A 214 -23.98 11.45 23.69
C VAL A 214 -23.56 11.42 25.16
N LEU A 215 -24.07 12.36 25.96
CA LEU A 215 -23.67 12.42 27.37
C LEU A 215 -24.06 11.14 28.10
N ASN A 216 -25.27 10.65 27.86
CA ASN A 216 -25.70 9.40 28.48
C ASN A 216 -24.79 8.25 28.07
N PHE A 217 -24.55 8.09 26.76
CA PHE A 217 -23.70 6.97 26.32
C PHE A 217 -22.30 7.08 26.91
N PHE A 218 -21.72 8.29 26.89
CA PHE A 218 -20.36 8.44 27.40
C PHE A 218 -20.31 8.11 28.89
N ALA A 219 -21.34 8.52 29.65
CA ALA A 219 -21.35 8.23 31.08
C ALA A 219 -21.44 6.73 31.33
N ASN A 220 -22.12 5.99 30.47
CA ASN A 220 -22.35 4.56 30.64
C ASN A 220 -21.23 3.70 30.06
N ASN A 221 -20.31 4.28 29.29
CA ASN A 221 -19.36 3.48 28.53
C ASN A 221 -17.93 3.92 28.79
N ASN A 222 -17.67 4.46 29.98
CA ASN A 222 -16.33 4.65 30.50
C ASN A 222 -15.49 5.58 29.62
N VAL A 223 -16.12 6.55 28.98
CA VAL A 223 -15.37 7.65 28.37
C VAL A 223 -14.76 8.49 29.50
N GLN A 224 -13.44 8.66 29.46
CA GLN A 224 -12.76 9.46 30.50
C GLN A 224 -12.12 10.71 29.94
N LEU A 225 -12.09 10.86 28.61
CA LEU A 225 -11.52 12.04 27.98
C LEU A 225 -12.30 12.32 26.72
N VAL A 226 -12.66 13.59 26.53
CA VAL A 226 -13.19 14.10 25.27
C VAL A 226 -12.17 15.03 24.68
N VAL A 227 -11.82 14.82 23.41
CA VAL A 227 -10.90 15.69 22.69
C VAL A 227 -11.66 16.41 21.59
N ARG A 228 -11.65 17.74 21.64
CA ARG A 228 -12.32 18.60 20.68
C ARG A 228 -11.30 19.14 19.69
N LEU A 229 -11.55 18.94 18.39
CA LEU A 229 -10.60 19.34 17.37
C LEU A 229 -11.09 20.52 16.53
N ASN A 230 -12.33 20.95 16.72
CA ASN A 230 -12.90 22.02 15.91
C ASN A 230 -13.29 23.20 16.79
N SER A 231 -13.69 24.26 16.12
CA SER A 231 -14.13 25.46 16.79
C SER A 231 -15.31 25.15 17.71
N HIS A 232 -15.47 25.95 18.76
CA HIS A 232 -16.44 25.63 19.80
C HIS A 232 -17.85 25.75 19.25
N LEU A 233 -18.66 24.71 19.48
CA LEU A 233 -20.09 24.75 19.21
C LEU A 233 -20.92 24.42 20.44
N TYR A 234 -20.28 24.21 21.58
CA TYR A 234 -20.96 23.89 22.83
C TYR A 234 -20.04 24.29 23.97
N ASN A 235 -20.62 24.34 25.18
CA ASN A 235 -19.86 24.59 26.39
C ASN A 235 -19.38 23.27 26.99
N LYS A 236 -18.06 23.13 27.13
CA LYS A 236 -17.44 21.92 27.63
C LYS A 236 -17.87 21.56 29.05
N LYS A 237 -18.52 22.48 29.79
CA LYS A 237 -18.87 22.16 31.16
C LYS A 237 -19.78 20.93 31.26
N HIS A 238 -20.55 20.64 30.19
CA HIS A 238 -21.47 19.52 30.25
C HIS A 238 -20.73 18.18 30.32
N PHE A 239 -19.53 18.11 29.75
CA PHE A 239 -18.74 16.89 29.89
C PHE A 239 -18.07 16.84 31.26
N GLU A 240 -17.59 17.99 31.75
CA GLU A 240 -16.98 18.01 33.07
C GLU A 240 -18.01 17.76 34.16
N ASP A 241 -19.28 18.11 33.90
CA ASP A 241 -20.37 17.80 34.81
C ASP A 241 -20.54 16.30 35.05
N ILE A 242 -20.14 15.46 34.09
CA ILE A 242 -20.24 14.03 34.33
C ILE A 242 -18.87 13.41 34.55
N GLY A 243 -17.91 14.20 34.99
CA GLY A 243 -16.65 13.66 35.44
C GLY A 243 -15.68 13.34 34.33
N ILE A 244 -15.87 13.90 33.14
CA ILE A 244 -15.05 13.58 31.98
C ILE A 244 -14.10 14.74 31.72
N GLN A 245 -12.81 14.43 31.58
CA GLN A 245 -11.86 15.49 31.24
C GLN A 245 -12.11 15.96 29.81
N HIS A 246 -12.07 17.27 29.61
CA HIS A 246 -12.26 17.85 28.28
C HIS A 246 -10.99 18.55 27.83
N LEU A 247 -10.56 18.27 26.60
CA LEU A 247 -9.32 18.79 26.06
C LEU A 247 -9.56 19.36 24.66
N ASP A 248 -9.14 20.61 24.44
CA ASP A 248 -9.07 21.15 23.08
C ASP A 248 -7.72 20.83 22.47
N LEU A 249 -7.73 20.31 21.25
CA LEU A 249 -6.52 20.21 20.41
C LEU A 249 -6.89 20.68 19.02
N ILE A 250 -7.27 21.93 18.91
CA ILE A 250 -8.03 22.38 17.74
C ILE A 250 -7.09 22.67 16.59
N PHE A 251 -7.49 22.24 15.39
CA PHE A 251 -6.80 22.67 14.17
C PHE A 251 -7.83 22.83 13.07
N GLU A 252 -7.46 23.59 12.04
CA GLU A 252 -8.49 24.11 11.16
C GLU A 252 -9.08 23.04 10.27
N ASP A 253 -10.33 23.27 9.87
CA ASP A 253 -11.07 22.30 9.08
C ASP A 253 -10.30 21.96 7.80
N GLY A 254 -10.27 20.68 7.47
CA GLY A 254 -9.61 20.22 6.26
C GLY A 254 -8.09 20.18 6.31
N THR A 255 -7.45 20.67 7.39
CA THR A 255 -6.00 20.67 7.43
C THR A 255 -5.49 19.42 8.14
N CYS A 256 -4.16 19.25 8.10
CA CYS A 256 -3.51 18.14 8.77
C CYS A 256 -2.84 18.65 10.02
N PRO A 257 -2.87 17.90 11.12
CA PRO A 257 -2.36 18.46 12.38
C PRO A 257 -0.85 18.47 12.39
N ASP A 258 -0.27 19.55 12.93
CA ASP A 258 1.16 19.59 13.24
CA ASP A 258 1.16 19.56 13.20
C ASP A 258 1.52 18.37 14.07
N LEU A 259 2.73 17.83 13.86
CA LEU A 259 3.11 16.65 14.62
C LEU A 259 3.15 16.93 16.11
N SER A 260 3.29 18.19 16.50
CA SER A 260 3.25 18.48 17.93
C SER A 260 1.88 18.17 18.52
N ILE A 261 0.80 18.46 17.77
CA ILE A 261 -0.53 18.11 18.22
C ILE A 261 -0.67 16.58 18.31
N VAL A 262 -0.17 15.87 17.30
CA VAL A 262 -0.30 14.42 17.25
C VAL A 262 0.42 13.78 18.44
N LYS A 263 1.65 14.24 18.73
CA LYS A 263 2.35 13.73 19.91
C LYS A 263 1.60 14.01 21.20
N ASN A 264 1.05 15.21 21.34
CA ASN A 264 0.23 15.47 22.51
C ASN A 264 -0.98 14.56 22.56
N PHE A 265 -1.62 14.34 21.42
CA PHE A 265 -2.80 13.49 21.38
C PHE A 265 -2.44 12.05 21.73
N VAL A 266 -1.36 11.54 21.15
CA VAL A 266 -1.01 10.15 21.42
C VAL A 266 -0.69 9.96 22.90
N GLY A 267 0.03 10.91 23.50
CA GLY A 267 0.33 10.80 24.93
C GLY A 267 -0.92 10.88 25.78
N ALA A 268 -1.80 11.84 25.50
CA ALA A 268 -3.06 11.90 26.22
C ALA A 268 -3.80 10.57 26.13
N ALA A 269 -3.90 10.02 24.93
CA ALA A 269 -4.62 8.75 24.75
C ALA A 269 -3.93 7.60 25.48
N GLU A 270 -2.61 7.49 25.36
CA GLU A 270 -1.89 6.48 26.13
C GLU A 270 -2.15 6.63 27.63
N THR A 271 -2.23 7.86 28.12
CA THR A 271 -2.46 8.08 29.55
C THR A 271 -3.83 7.54 29.97
N ILE A 272 -4.86 7.84 29.18
CA ILE A 272 -6.21 7.38 29.49
C ILE A 272 -6.31 5.87 29.34
N ILE A 273 -5.73 5.33 28.27
CA ILE A 273 -5.85 3.88 28.02
C ILE A 273 -5.20 3.11 29.16
N LYS A 274 -4.08 3.61 29.65
CA LYS A 274 -3.42 2.98 30.80
C LYS A 274 -4.35 2.90 32.00
N ARG A 275 -5.27 3.86 32.13
CA ARG A 275 -6.26 3.84 33.20
C ARG A 275 -7.47 2.99 32.86
N GLY A 276 -7.51 2.39 31.68
CA GLY A 276 -8.63 1.58 31.27
C GLY A 276 -9.78 2.35 30.67
N GLY A 277 -9.60 3.67 30.40
CA GLY A 277 -10.70 4.49 29.92
C GLY A 277 -10.74 4.63 28.39
N LYS A 278 -11.87 5.13 27.90
CA LYS A 278 -12.03 5.42 26.48
C LYS A 278 -11.78 6.89 26.22
N ILE A 279 -11.34 7.20 25.00
CA ILE A 279 -11.19 8.57 24.52
C ILE A 279 -12.20 8.78 23.40
N ALA A 280 -13.01 9.82 23.54
CA ALA A 280 -13.97 10.22 22.51
C ALA A 280 -13.43 11.44 21.80
N VAL A 281 -13.30 11.39 20.48
CA VAL A 281 -12.68 12.46 19.72
C VAL A 281 -13.72 13.02 18.75
N HIS A 282 -13.83 14.35 18.67
CA HIS A 282 -14.72 14.94 17.68
C HIS A 282 -14.05 16.11 16.99
N CYS A 283 -14.41 16.29 15.73
CA CYS A 283 -14.16 17.55 15.03
C CYS A 283 -15.56 18.05 14.66
N LYS A 284 -15.73 18.70 13.50
CA LYS A 284 -17.09 19.07 13.12
C LYS A 284 -17.92 17.82 12.81
N ALA A 285 -17.42 16.99 11.91
CA ALA A 285 -18.15 15.82 11.49
C ALA A 285 -17.67 14.54 12.12
N GLY A 286 -16.51 14.56 12.80
CA GLY A 286 -15.98 13.31 13.31
C GLY A 286 -15.41 12.43 12.23
N LEU A 287 -14.93 13.03 11.12
CA LEU A 287 -14.45 12.24 9.99
C LEU A 287 -13.00 12.53 9.64
N GLY A 288 -12.68 13.77 9.27
CA GLY A 288 -11.35 14.04 8.77
C GLY A 288 -10.30 14.28 9.83
N ARG A 289 -10.39 15.42 10.53
CA ARG A 289 -9.46 15.71 11.61
C ARG A 289 -9.43 14.59 12.65
N THR A 290 -10.60 14.10 13.03
CA THR A 290 -10.67 13.00 13.98
C THR A 290 -9.95 11.78 13.44
N GLY A 291 -10.12 11.48 12.14
CA GLY A 291 -9.44 10.34 11.54
C GLY A 291 -7.93 10.52 11.52
N CYS A 292 -7.44 11.75 11.36
CA CYS A 292 -5.99 11.98 11.43
C CYS A 292 -5.42 11.51 12.74
N LEU A 293 -6.06 11.91 13.84
CA LEU A 293 -5.47 11.64 15.15
C LEU A 293 -5.68 10.19 15.59
N ILE A 294 -6.92 9.70 15.49
CA ILE A 294 -7.15 8.31 15.84
C ILE A 294 -6.34 7.39 14.91
N GLY A 295 -6.28 7.74 13.62
CA GLY A 295 -5.50 6.94 12.68
C GLY A 295 -4.03 6.88 13.07
N ALA A 296 -3.46 8.05 13.43
CA ALA A 296 -2.07 8.07 13.88
C ALA A 296 -1.89 7.13 15.07
N HIS A 297 -2.83 7.17 16.02
CA HIS A 297 -2.68 6.31 17.20
C HIS A 297 -2.79 4.83 16.83
N LEU A 298 -3.70 4.49 15.92
CA LEU A 298 -3.86 3.08 15.52
C LEU A 298 -2.60 2.58 14.83
N ILE A 299 -1.94 3.43 14.04
CA ILE A 299 -0.72 3.02 13.36
C ILE A 299 0.42 2.85 14.35
N TYR A 300 0.60 3.84 15.24
CA TYR A 300 1.54 3.75 16.36
C TYR A 300 1.34 2.48 17.18
N THR A 301 0.09 2.13 17.48
CA THR A 301 -0.16 1.00 18.37
C THR A 301 -0.07 -0.34 17.67
N TYR A 302 -0.71 -0.48 16.51
CA TYR A 302 -0.94 -1.77 15.87
C TYR A 302 -0.19 -1.97 14.58
N GLY A 303 0.44 -0.93 14.03
CA GLY A 303 1.28 -1.16 12.87
C GLY A 303 0.54 -1.30 11.55
N PHE A 304 -0.70 -0.84 11.47
CA PHE A 304 -1.41 -0.75 10.20
C PHE A 304 -0.60 0.03 9.17
N THR A 305 -0.74 -0.32 7.88
CA THR A 305 -0.36 0.66 6.87
C THR A 305 -1.37 1.80 6.88
N ALA A 306 -0.98 2.93 6.28
CA ALA A 306 -1.92 4.05 6.18
C ALA A 306 -3.18 3.65 5.43
N ASN A 307 -3.04 2.91 4.33
CA ASN A 307 -4.22 2.53 3.55
C ASN A 307 -5.12 1.58 4.33
N GLU A 308 -4.52 0.63 5.07
CA GLU A 308 -5.28 -0.29 5.93
C GLU A 308 -6.02 0.47 7.01
N CYS A 309 -5.31 1.41 7.63
CA CYS A 309 -5.92 2.22 8.67
C CYS A 309 -7.15 2.96 8.13
N ILE A 310 -7.00 3.61 6.98
CA ILE A 310 -8.12 4.30 6.38
C ILE A 310 -9.24 3.31 6.08
N GLY A 311 -8.89 2.14 5.52
CA GLY A 311 -9.91 1.13 5.20
C GLY A 311 -10.64 0.62 6.45
N PHE A 312 -9.88 0.34 7.52
CA PHE A 312 -10.53 -0.09 8.75
C PHE A 312 -11.40 1.00 9.33
N LEU A 313 -10.87 2.24 9.41
CA LEU A 313 -11.69 3.32 9.97
C LEU A 313 -12.99 3.47 9.20
N ARG A 314 -12.91 3.40 7.87
CA ARG A 314 -14.13 3.62 7.07
C ARG A 314 -15.06 2.43 7.13
N PHE A 315 -14.52 1.24 7.37
CA PHE A 315 -15.36 0.07 7.57
C PHE A 315 -16.24 0.26 8.82
N ILE A 316 -15.74 0.96 9.83
CA ILE A 316 -16.57 1.21 11.02
C ILE A 316 -17.37 2.49 10.87
N ARG A 317 -16.74 3.55 10.35
CA ARG A 317 -17.35 4.88 10.26
C ARG A 317 -17.06 5.44 8.87
N PRO A 318 -17.98 5.27 7.92
CA PRO A 318 -17.69 5.70 6.56
C PRO A 318 -17.28 7.17 6.52
N GLY A 319 -16.35 7.48 5.63
CA GLY A 319 -15.97 8.87 5.38
C GLY A 319 -14.78 9.39 6.16
N MET A 320 -14.19 8.61 7.07
CA MET A 320 -13.07 9.13 7.85
C MET A 320 -11.84 9.33 6.97
N VAL A 321 -11.07 10.38 7.31
CA VAL A 321 -9.81 10.83 6.70
C VAL A 321 -10.11 11.42 5.32
N VAL A 322 -10.04 12.75 5.21
CA VAL A 322 -10.61 13.46 4.06
C VAL A 322 -9.52 14.15 3.26
N GLY A 323 -9.60 14.02 1.94
CA GLY A 323 -8.78 14.83 1.06
C GLY A 323 -7.29 14.67 1.35
N PRO A 324 -6.60 15.80 1.51
CA PRO A 324 -5.14 15.75 1.71
C PRO A 324 -4.72 15.02 2.98
N GLN A 325 -5.63 14.84 3.93
CA GLN A 325 -5.31 14.07 5.12
C GLN A 325 -4.92 12.64 4.77
N GLN A 326 -5.41 12.11 3.64
CA GLN A 326 -5.05 10.75 3.27
C GLN A 326 -3.58 10.66 2.90
N HIS A 327 -3.12 11.59 2.07
CA HIS A 327 -1.69 11.63 1.70
C HIS A 327 -0.85 11.94 2.92
N TRP A 328 -1.37 12.76 3.84
CA TRP A 328 -0.64 13.07 5.06
C TRP A 328 -0.44 11.83 5.91
N LEU A 329 -1.52 11.08 6.14
CA LEU A 329 -1.39 9.83 6.88
C LEU A 329 -0.43 8.88 6.16
N TYR A 330 -0.55 8.82 4.84
CA TYR A 330 0.34 7.97 4.03
C TYR A 330 1.80 8.37 4.20
N LEU A 331 2.08 9.67 4.20
CA LEU A 331 3.47 10.11 4.26
C LEU A 331 4.04 10.07 5.67
N HIS A 332 3.21 10.09 6.70
CA HIS A 332 3.71 10.06 8.08
C HIS A 332 3.58 8.71 8.75
N GLN A 333 3.11 7.69 8.04
CA GLN A 333 2.88 6.41 8.70
C GLN A 333 4.16 5.83 9.29
N ASN A 334 5.32 6.02 8.63
CA ASN A 334 6.55 5.51 9.24
C ASN A 334 6.85 6.24 10.54
N ASP A 335 6.67 7.57 10.54
CA ASP A 335 6.85 8.36 11.77
C ASP A 335 6.05 7.77 12.91
N PHE A 336 4.75 7.55 12.67
CA PHE A 336 3.87 7.09 13.74
C PHE A 336 4.27 5.72 14.24
N ARG A 337 4.56 4.80 13.32
CA ARG A 337 4.94 3.46 13.74
CA ARG A 337 4.92 3.46 13.77
C ARG A 337 6.23 3.48 14.55
N GLU A 338 7.17 4.30 14.14
CA GLU A 338 8.47 4.23 14.76
CA GLU A 338 8.51 4.32 14.71
C GLU A 338 8.60 5.15 15.97
N TRP A 339 7.55 5.90 16.34
CA TRP A 339 7.54 6.59 17.62
C TRP A 339 7.65 5.61 18.78
N LYS A 340 7.27 4.33 18.58
CA LYS A 340 7.52 3.34 19.63
C LYS A 340 9.01 3.29 20.00
N TYR A 341 9.90 3.61 19.07
CA TYR A 341 11.33 3.60 19.33
C TYR A 341 11.96 4.98 19.53
N THR A 342 11.40 6.02 18.94
CA THR A 342 12.04 7.33 19.00
C THR A 342 11.40 8.26 20.02
N THR A 343 10.34 7.82 20.69
CA THR A 343 9.70 8.66 21.69
C THR A 343 9.44 7.83 22.92
N ARG A 344 9.16 8.52 24.02
CA ARG A 344 8.65 7.89 25.23
C ARG A 344 7.53 8.75 25.77
N ILE A 345 6.67 8.13 26.59
CA ILE A 345 5.71 8.92 27.35
C ILE A 345 6.46 9.64 28.47
N SER A 346 6.22 10.94 28.57
CA SER A 346 6.90 11.78 29.53
C SER A 346 6.65 11.31 30.95
N LEU A 347 7.68 11.45 31.82
CA LEU A 347 7.46 11.26 33.25
C LEU A 347 6.74 12.43 33.90
N LYS A 348 6.66 13.56 33.22
CA LYS A 348 6.11 14.79 33.77
C LYS A 348 4.79 15.14 33.10
N PRO A 349 3.75 15.48 33.86
CA PRO A 349 2.48 15.86 33.24
C PRO A 349 2.58 17.21 32.54
N SER A 350 1.72 17.40 31.53
CA SER A 350 1.78 18.60 30.70
C SER A 350 0.48 19.39 30.79
N GLU A 351 0.59 20.69 31.03
CA GLU A 351 -0.60 21.55 31.06
C GLU A 351 -1.25 21.63 29.69
N ALA A 352 -0.47 21.48 28.62
CA ALA A 352 -1.04 21.51 27.28
C ALA A 352 -2.03 20.39 27.03
N ILE A 353 -2.00 19.32 27.84
CA ILE A 353 -2.99 18.25 27.66
C ILE A 353 -3.65 17.99 29.01
N GLY A 354 -3.79 19.06 29.79
CA GLY A 354 -4.58 19.00 31.01
C GLY A 354 -4.03 18.12 32.09
N GLY A 355 -2.70 18.00 32.22
CA GLY A 355 -2.13 17.16 33.24
C GLY A 355 -1.90 15.72 32.81
N LEU A 356 -2.24 15.37 31.58
CA LEU A 356 -1.88 14.05 31.07
C LEU A 356 -0.42 14.08 30.62
N TYR A 357 0.11 12.94 30.16
CA TYR A 357 1.54 12.84 29.88
C TYR A 357 1.79 12.79 28.38
N PRO A 358 2.53 13.75 27.82
CA PRO A 358 2.74 13.79 26.37
C PRO A 358 3.84 12.83 25.92
N LEU A 359 3.81 12.50 24.62
CA LEU A 359 4.97 11.85 24.03
C LEU A 359 6.08 12.87 23.94
N ILE A 360 7.28 12.45 24.28
CA ILE A 360 8.44 13.30 24.14
C ILE A 360 9.55 12.49 23.48
N SER A 361 10.61 13.18 23.08
CA SER A 361 11.71 12.51 22.42
C SER A 361 12.47 11.63 23.39
N LEU A 362 13.15 10.61 22.83
CA LEU A 362 14.02 9.73 23.61
C LEU A 362 15.01 10.51 24.47
N GLU A 363 15.52 11.63 23.98
CA GLU A 363 16.59 12.31 24.70
C GLU A 363 16.06 12.99 25.96
N GLU A 364 14.95 13.73 25.84
CA GLU A 364 14.34 14.33 27.03
C GLU A 364 13.98 13.26 28.05
N TYR A 365 13.38 12.16 27.60
CA TYR A 365 13.08 11.07 28.52
C TYR A 365 14.33 10.56 29.20
N ARG A 366 15.48 10.59 28.51
CA ARG A 366 16.74 10.16 29.10
C ARG A 366 17.15 11.10 30.24
N LEU A 367 17.08 12.41 30.00
CA LEU A 367 17.33 13.38 31.07
C LEU A 367 16.47 13.07 32.29
N GLN A 368 15.15 13.04 32.10
CA GLN A 368 14.21 12.78 33.17
C GLN A 368 14.57 11.52 33.98
N LYS A 369 15.17 10.50 33.35
CA LYS A 369 15.33 9.20 33.97
C LYS A 369 16.66 8.99 34.70
N LYS A 370 17.63 9.90 34.54
CA LYS A 370 18.98 9.69 35.08
C LYS A 370 19.04 9.84 36.60
N LEU B 7 -11.42 15.77 -25.91
CA LEU B 7 -12.40 14.77 -26.31
C LEU B 7 -13.05 14.07 -25.10
N ASP B 8 -13.99 13.15 -25.37
CA ASP B 8 -14.80 12.58 -24.29
C ASP B 8 -14.11 11.42 -23.57
N ASN B 9 -13.45 10.53 -24.31
CA ASN B 9 -12.79 9.36 -23.71
C ASN B 9 -11.39 9.72 -23.22
N THR B 10 -11.27 10.86 -22.53
CA THR B 10 -10.02 11.58 -22.40
C THR B 10 -9.89 12.19 -21.02
N ILE B 11 -8.68 12.11 -20.45
CA ILE B 11 -8.36 12.65 -19.14
C ILE B 11 -7.46 13.88 -19.33
N GLU B 12 -7.79 14.95 -18.64
CA GLU B 12 -6.97 16.17 -18.69
C GLU B 12 -5.87 16.14 -17.63
N PHE B 13 -4.61 16.31 -18.06
CA PHE B 13 -3.47 16.50 -17.16
C PHE B 13 -3.11 17.97 -17.02
N LEU B 14 -3.00 18.68 -18.14
CA LEU B 14 -2.81 20.12 -18.14
C LEU B 14 -3.80 20.70 -19.13
N ARG B 15 -4.63 21.64 -18.65
CA ARG B 15 -5.71 22.17 -19.48
C ARG B 15 -5.11 22.76 -20.76
N GLY B 16 -5.69 22.38 -21.89
CA GLY B 16 -5.24 22.86 -23.18
C GLY B 16 -3.85 22.44 -23.58
N ARG B 17 -3.22 21.48 -22.87
CA ARG B 17 -1.84 21.14 -23.21
CA ARG B 17 -1.82 21.16 -23.13
C ARG B 17 -1.57 19.65 -23.22
N VAL B 18 -1.97 18.91 -22.19
CA VAL B 18 -1.68 17.46 -22.12
C VAL B 18 -2.94 16.70 -21.74
N TYR B 19 -3.32 15.73 -22.57
CA TYR B 19 -4.46 14.86 -22.31
C TYR B 19 -4.06 13.41 -22.48
N LEU B 20 -4.85 12.53 -21.88
CA LEU B 20 -4.57 11.10 -21.94
C LEU B 20 -5.86 10.43 -22.42
N GLY B 21 -5.80 9.81 -23.61
CA GLY B 21 -6.98 9.23 -24.21
C GLY B 21 -6.85 7.73 -24.41
N ALA B 22 -7.97 7.10 -24.74
CA ALA B 22 -8.02 5.67 -25.04
C ALA B 22 -9.00 5.49 -26.19
N TYR B 23 -8.50 5.00 -27.31
CA TYR B 23 -9.28 4.87 -28.55
C TYR B 23 -8.93 3.55 -29.20
N ASP B 24 -9.94 2.83 -29.68
CA ASP B 24 -9.71 1.64 -30.48
C ASP B 24 -9.63 1.94 -31.97
N TYR B 25 -9.43 3.21 -32.32
CA TYR B 25 -9.20 3.67 -33.68
C TYR B 25 -8.03 4.64 -33.64
N THR B 26 -7.51 5.00 -34.81
CA THR B 26 -6.47 6.01 -34.87
C THR B 26 -7.12 7.38 -35.02
N PRO B 27 -6.99 8.27 -34.05
CA PRO B 27 -7.58 9.60 -34.19
C PRO B 27 -6.76 10.45 -35.15
N GLU B 28 -7.46 11.36 -35.84
CA GLU B 28 -6.85 12.28 -36.78
C GLU B 28 -6.50 13.58 -36.07
N ASP B 29 -5.29 14.08 -36.31
CA ASP B 29 -4.90 15.37 -35.75
C ASP B 29 -5.85 16.46 -36.26
N THR B 30 -6.15 17.43 -35.42
CA THR B 30 -6.98 18.56 -35.79
C THR B 30 -6.13 19.83 -35.71
N ASP B 31 -6.77 20.97 -36.01
CA ASP B 31 -6.13 22.26 -35.83
C ASP B 31 -5.69 22.47 -34.40
N GLU B 32 -6.36 21.84 -33.43
CA GLU B 32 -6.15 22.11 -32.03
C GLU B 32 -5.55 20.93 -31.27
N LEU B 33 -5.47 19.75 -31.88
CA LEU B 33 -5.09 18.53 -31.18
C LEU B 33 -4.08 17.75 -32.01
N VAL B 34 -3.01 17.27 -31.35
CA VAL B 34 -2.09 16.32 -31.95
C VAL B 34 -2.10 15.06 -31.08
N PHE B 35 -2.35 13.91 -31.71
CA PHE B 35 -2.45 12.63 -31.03
C PHE B 35 -1.19 11.80 -31.26
N PHE B 36 -0.78 11.04 -30.25
CA PHE B 36 0.25 10.04 -30.47
C PHE B 36 0.10 8.91 -29.49
N THR B 37 0.58 7.74 -29.92
CA THR B 37 0.60 6.53 -29.13
C THR B 37 1.99 5.93 -29.26
N VAL B 38 2.40 5.15 -28.27
CA VAL B 38 3.61 4.35 -28.38
C VAL B 38 3.30 2.88 -28.21
N GLU B 39 2.02 2.54 -28.05
CA GLU B 39 1.62 1.17 -27.79
C GLU B 39 2.08 0.23 -28.88
N ASP B 40 2.29 0.74 -30.10
CA ASP B 40 2.67 -0.08 -31.23
C ASP B 40 4.16 0.00 -31.53
N ALA B 41 4.96 0.59 -30.62
CA ALA B 41 6.40 0.76 -30.81
C ALA B 41 7.22 0.46 -29.56
N ILE B 42 6.69 0.73 -28.37
CA ILE B 42 7.36 0.48 -27.10
C ILE B 42 6.55 -0.59 -26.42
N PHE B 43 7.08 -1.81 -26.35
CA PHE B 43 6.33 -2.98 -25.91
C PHE B 43 6.82 -3.44 -24.54
N TYR B 44 5.88 -3.74 -23.63
CA TYR B 44 6.23 -4.49 -22.42
C TYR B 44 6.52 -5.96 -22.76
N ASN B 45 7.66 -6.46 -22.32
CA ASN B 45 8.08 -7.82 -22.63
C ASN B 45 7.66 -8.71 -21.47
N SER B 46 6.44 -9.24 -21.54
CA SER B 46 5.87 -10.00 -20.45
CA SER B 46 5.87 -10.00 -20.44
CA SER B 46 5.87 -10.01 -20.44
C SER B 46 6.62 -11.31 -20.21
N PHE B 47 6.74 -11.68 -18.92
CA PHE B 47 7.27 -13.00 -18.54
C PHE B 47 6.19 -14.05 -18.61
N HIS B 48 5.05 -13.77 -18.02
CA HIS B 48 3.94 -14.70 -18.06
C HIS B 48 2.68 -13.89 -18.30
N LEU B 49 1.95 -13.54 -17.23
CA LEU B 49 0.75 -12.73 -17.41
C LEU B 49 0.88 -11.32 -16.85
N ASP B 50 2.03 -10.99 -16.29
CA ASP B 50 2.35 -9.58 -16.05
C ASP B 50 2.24 -8.81 -17.35
N PHE B 51 1.82 -7.55 -17.26
CA PHE B 51 1.63 -6.74 -18.46
C PHE B 51 2.24 -5.34 -18.31
N GLY B 52 2.82 -5.02 -17.15
CA GLY B 52 3.34 -3.71 -16.85
C GLY B 52 3.66 -3.61 -15.37
N PRO B 53 4.10 -2.43 -14.90
CA PRO B 53 4.21 -1.17 -15.64
C PRO B 53 5.39 -1.13 -16.61
N MET B 54 5.36 -0.17 -17.52
CA MET B 54 6.52 0.03 -18.39
C MET B 54 7.72 0.46 -17.56
N ASN B 55 8.91 0.08 -18.02
CA ASN B 55 10.11 0.33 -17.22
C ASN B 55 10.73 1.71 -17.51
N ILE B 56 11.82 1.99 -16.81
CA ILE B 56 12.48 3.28 -16.89
C ILE B 56 13.05 3.50 -18.29
N GLY B 57 13.53 2.43 -18.94
CA GLY B 57 13.99 2.57 -20.32
C GLY B 57 12.87 2.94 -21.28
N HIS B 58 11.71 2.31 -21.12
CA HIS B 58 10.54 2.68 -21.93
C HIS B 58 10.15 4.12 -21.69
N LEU B 59 10.21 4.53 -20.43
CA LEU B 59 9.86 5.90 -20.05
C LEU B 59 10.81 6.89 -20.69
N TYR B 60 12.09 6.58 -20.68
CA TYR B 60 13.06 7.43 -21.37
C TYR B 60 12.70 7.57 -22.85
N ARG B 61 12.37 6.44 -23.49
CA ARG B 61 12.00 6.49 -24.91
C ARG B 61 10.73 7.29 -25.12
N PHE B 62 9.74 7.08 -24.26
CA PHE B 62 8.53 7.89 -24.31
C PHE B 62 8.85 9.38 -24.19
N ALA B 63 9.72 9.74 -23.25
CA ALA B 63 9.99 11.17 -23.03
C ALA B 63 10.62 11.79 -24.27
N VAL B 64 11.49 11.04 -24.94
CA VAL B 64 12.10 11.55 -26.17
C VAL B 64 11.02 11.79 -27.21
N ILE B 65 10.10 10.83 -27.37
CA ILE B 65 9.02 10.98 -28.35
C ILE B 65 8.10 12.13 -27.98
N PHE B 66 7.69 12.19 -26.70
CA PHE B 66 6.82 13.27 -26.23
C PHE B 66 7.46 14.64 -26.47
N HIS B 67 8.75 14.77 -26.16
CA HIS B 67 9.39 16.06 -26.30
C HIS B 67 9.48 16.48 -27.76
N GLU B 68 9.73 15.53 -28.66
CA GLU B 68 9.78 15.87 -30.08
C GLU B 68 8.45 16.43 -30.58
N ILE B 69 7.33 15.86 -30.10
CA ILE B 69 6.01 16.36 -30.46
C ILE B 69 5.76 17.73 -29.83
N LEU B 70 6.06 17.86 -28.54
CA LEU B 70 5.90 19.12 -27.84
C LEU B 70 6.67 20.24 -28.51
N ASN B 71 7.84 19.92 -29.07
CA ASN B 71 8.75 20.93 -29.59
C ASN B 71 8.59 21.19 -31.08
N ASP B 72 7.82 20.37 -31.78
CA ASP B 72 7.54 20.60 -33.20
C ASP B 72 6.71 21.88 -33.34
N PRO B 73 7.17 22.88 -34.11
CA PRO B 73 6.40 24.12 -34.21
C PRO B 73 4.95 23.94 -34.67
N GLU B 74 4.67 22.93 -35.50
CA GLU B 74 3.30 22.68 -35.91
C GLU B 74 2.36 22.48 -34.73
N ASN B 75 2.86 21.98 -33.60
CA ASN B 75 2.04 21.72 -32.42
C ASN B 75 2.07 22.88 -31.42
N ALA B 76 2.57 24.05 -31.83
CA ALA B 76 2.78 25.15 -30.89
C ALA B 76 1.49 25.59 -30.22
N ASN B 77 0.38 25.56 -30.93
CA ASN B 77 -0.89 25.94 -30.34
C ASN B 77 -1.86 24.78 -30.28
N LYS B 78 -1.32 23.57 -30.04
CA LYS B 78 -2.13 22.37 -29.97
C LYS B 78 -1.97 21.73 -28.60
N ALA B 79 -3.05 21.13 -28.13
CA ALA B 79 -2.95 20.21 -27.01
C ALA B 79 -2.48 18.86 -27.53
N VAL B 80 -1.66 18.17 -26.74
CA VAL B 80 -1.15 16.86 -27.10
C VAL B 80 -2.01 15.82 -26.40
N VAL B 81 -2.51 14.84 -27.14
CA VAL B 81 -3.28 13.74 -26.58
C VAL B 81 -2.44 12.48 -26.73
N PHE B 82 -1.88 12.02 -25.62
CA PHE B 82 -1.21 10.74 -25.58
C PHE B 82 -2.28 9.69 -25.40
N TYR B 83 -2.20 8.60 -26.16
CA TYR B 83 -3.30 7.65 -26.10
C TYR B 83 -2.81 6.21 -26.23
N SER B 84 -3.71 5.31 -25.83
CA SER B 84 -3.57 3.87 -25.98
C SER B 84 -4.87 3.32 -26.56
N SER B 85 -4.91 2.02 -26.81
CA SER B 85 -6.18 1.35 -27.11
C SER B 85 -7.03 1.28 -25.84
N ALA B 86 -8.23 0.73 -25.97
CA ALA B 86 -9.20 0.71 -24.87
C ALA B 86 -8.95 -0.37 -23.83
N SER B 87 -7.93 -1.20 -24.03
CA SER B 87 -7.61 -2.26 -23.08
C SER B 87 -7.35 -1.66 -21.70
N THR B 88 -7.94 -2.24 -20.64
CA THR B 88 -7.68 -1.71 -19.30
C THR B 88 -6.21 -1.91 -18.91
N ARG B 89 -5.56 -2.94 -19.45
CA ARG B 89 -4.13 -3.13 -19.23
C ARG B 89 -3.31 -2.08 -19.97
N GLN B 90 -3.58 -1.87 -21.26
CA GLN B 90 -2.80 -0.89 -21.99
C GLN B 90 -3.07 0.53 -21.49
N ARG B 91 -4.31 0.81 -21.07
CA ARG B 91 -4.59 2.13 -20.48
C ARG B 91 -3.81 2.31 -19.19
N ALA B 92 -3.65 1.25 -18.40
CA ALA B 92 -2.87 1.36 -17.16
C ALA B 92 -1.40 1.66 -17.46
N ASN B 93 -0.82 0.98 -18.44
CA ASN B 93 0.56 1.25 -18.81
C ASN B 93 0.73 2.69 -19.27
N ALA B 94 -0.18 3.17 -20.13
CA ALA B 94 -0.02 4.53 -20.64
C ALA B 94 -0.15 5.56 -19.52
N ALA B 95 -1.16 5.39 -18.67
CA ALA B 95 -1.36 6.32 -17.57
C ALA B 95 -0.18 6.29 -16.61
N CYS B 96 0.30 5.10 -16.29
CA CYS B 96 1.43 4.99 -15.36
C CYS B 96 2.69 5.63 -15.94
N MET B 97 2.92 5.45 -17.25
CA MET B 97 4.10 6.04 -17.86
C MET B 97 3.99 7.55 -17.91
N LEU B 98 2.81 8.09 -18.27
CA LEU B 98 2.68 9.55 -18.25
C LEU B 98 2.88 10.10 -16.84
N CYS B 99 2.35 9.40 -15.81
CA CYS B 99 2.58 9.86 -14.44
C CYS B 99 4.06 9.83 -14.08
N CYS B 100 4.73 8.71 -14.39
CA CYS B 100 6.17 8.59 -14.11
C CYS B 100 6.96 9.67 -14.84
N TYR B 101 6.55 10.02 -16.06
CA TYR B 101 7.15 11.14 -16.75
C TYR B 101 7.02 12.43 -15.95
N MET B 102 5.81 12.69 -15.45
CA MET B 102 5.61 13.96 -14.74
C MET B 102 6.42 14.00 -13.45
N ILE B 103 6.50 12.85 -12.76
CA ILE B 103 7.30 12.75 -11.53
C ILE B 103 8.77 13.00 -11.84
N LEU B 104 9.29 12.34 -12.87
CA LEU B 104 10.74 12.28 -13.04
C LEU B 104 11.28 13.39 -13.93
N VAL B 105 10.47 13.94 -14.82
CA VAL B 105 10.96 14.98 -15.73
C VAL B 105 10.41 16.35 -15.34
N GLN B 106 9.19 16.40 -14.82
CA GLN B 106 8.57 17.70 -14.55
C GLN B 106 8.42 17.99 -13.07
N ALA B 107 8.92 17.11 -12.20
CA ALA B 107 8.93 17.34 -10.76
C ALA B 107 7.53 17.49 -10.18
N TRP B 108 6.52 16.87 -10.79
CA TRP B 108 5.23 16.82 -10.10
C TRP B 108 5.33 15.91 -8.86
N THR B 109 4.38 16.10 -7.91
CA THR B 109 4.34 15.20 -6.77
C THR B 109 3.25 14.15 -6.97
N PRO B 110 3.27 13.06 -6.18
CA PRO B 110 2.27 12.01 -6.39
C PRO B 110 0.83 12.51 -6.38
N HIS B 111 0.43 13.37 -5.45
CA HIS B 111 -0.98 13.73 -5.47
C HIS B 111 -1.33 14.54 -6.71
N GLN B 112 -0.35 15.21 -7.31
CA GLN B 112 -0.63 15.97 -8.53
C GLN B 112 -0.84 15.06 -9.74
N VAL B 113 -0.03 14.00 -9.88
CA VAL B 113 -0.21 13.12 -11.03
C VAL B 113 -1.37 12.17 -10.83
N LEU B 114 -1.79 11.94 -9.59
CA LEU B 114 -2.85 10.99 -9.32
C LEU B 114 -4.24 11.59 -9.43
N GLN B 115 -4.39 12.91 -9.18
CA GLN B 115 -5.71 13.53 -9.31
CA GLN B 115 -5.70 13.54 -9.30
C GLN B 115 -6.36 13.27 -10.66
N PRO B 116 -5.68 13.43 -11.79
CA PRO B 116 -6.38 13.19 -13.07
C PRO B 116 -6.84 11.76 -13.26
N LEU B 117 -6.17 10.79 -12.62
CA LEU B 117 -6.48 9.38 -12.83
C LEU B 117 -7.56 8.86 -11.89
N ALA B 118 -7.84 9.56 -10.81
CA ALA B 118 -8.68 8.96 -9.77
C ALA B 118 -10.09 8.80 -10.29
N GLN B 119 -10.66 7.62 -10.04
CA GLN B 119 -12.09 7.34 -10.26
C GLN B 119 -12.45 7.35 -11.74
N VAL B 120 -11.47 7.09 -12.61
CA VAL B 120 -11.74 6.93 -14.02
CA VAL B 120 -11.73 6.94 -14.02
C VAL B 120 -12.60 5.69 -14.24
N ASP B 121 -13.60 5.81 -15.11
CA ASP B 121 -14.43 4.65 -15.43
C ASP B 121 -14.30 4.39 -16.93
N PRO B 122 -13.96 3.16 -17.36
CA PRO B 122 -13.69 2.01 -16.52
C PRO B 122 -12.31 2.15 -15.87
N PRO B 123 -12.12 1.51 -14.73
CA PRO B 123 -10.84 1.65 -14.03
C PRO B 123 -9.70 1.02 -14.79
N PHE B 124 -8.48 1.40 -14.39
CA PHE B 124 -7.26 0.79 -14.89
C PHE B 124 -7.06 -0.60 -14.30
N MET B 125 -6.48 -1.49 -15.08
CA MET B 125 -6.17 -2.82 -14.52
C MET B 125 -5.02 -2.70 -13.54
N PRO B 126 -5.17 -3.14 -12.28
CA PRO B 126 -4.00 -3.20 -11.36
C PRO B 126 -2.93 -4.14 -11.90
N PHE B 127 -1.69 -3.87 -11.50
CA PHE B 127 -0.54 -4.64 -11.97
C PHE B 127 -0.38 -5.93 -11.18
N ARG B 128 -0.14 -7.05 -11.88
CA ARG B 128 0.10 -8.32 -11.21
C ARG B 128 1.56 -8.75 -11.40
N ASP B 129 1.92 -9.82 -10.69
CA ASP B 129 3.29 -10.32 -10.67
C ASP B 129 3.56 -11.17 -11.92
N ALA B 130 4.80 -11.63 -12.06
CA ALA B 130 5.29 -12.36 -13.22
C ALA B 130 5.28 -13.88 -13.05
N GLY B 131 4.75 -14.39 -11.94
CA GLY B 131 4.82 -15.82 -11.67
C GLY B 131 3.63 -16.59 -12.20
N TYR B 132 3.65 -17.89 -11.90
CA TYR B 132 2.77 -18.85 -12.55
C TYR B 132 1.52 -19.20 -11.77
N SER B 133 1.43 -18.81 -10.50
CA SER B 133 0.18 -19.04 -9.80
C SER B 133 -0.86 -17.99 -10.20
N ASN B 134 -2.10 -18.23 -9.78
CA ASN B 134 -3.13 -17.23 -9.98
C ASN B 134 -2.76 -16.00 -9.20
N ALA B 135 -3.02 -14.83 -9.77
CA ALA B 135 -2.67 -13.62 -9.04
C ALA B 135 -3.43 -13.54 -7.71
N ASP B 136 -2.77 -13.01 -6.68
CA ASP B 136 -3.48 -12.80 -5.43
C ASP B 136 -3.01 -11.54 -4.74
N PHE B 137 -2.31 -10.68 -5.47
CA PHE B 137 -1.76 -9.47 -4.89
C PHE B 137 -1.59 -8.48 -6.03
N GLU B 138 -2.02 -7.25 -5.82
CA GLU B 138 -1.95 -6.28 -6.88
C GLU B 138 -1.28 -5.02 -6.35
N ILE B 139 -0.57 -4.33 -7.24
CA ILE B 139 -0.13 -2.98 -6.92
C ILE B 139 -0.79 -2.03 -7.90
N THR B 140 -0.96 -0.79 -7.47
CA THR B 140 -1.69 0.17 -8.27
C THR B 140 -0.75 1.20 -8.86
N ILE B 141 -1.29 2.02 -9.78
CA ILE B 141 -0.50 3.16 -10.25
C ILE B 141 -0.10 4.05 -9.07
N GLN B 142 -1.00 4.20 -8.10
CA GLN B 142 -0.66 4.98 -6.91
C GLN B 142 0.60 4.43 -6.24
N ASP B 143 0.69 3.10 -6.11
CA ASP B 143 1.87 2.49 -5.50
C ASP B 143 3.12 2.78 -6.32
N VAL B 144 3.02 2.56 -7.63
CA VAL B 144 4.19 2.72 -8.48
C VAL B 144 4.65 4.17 -8.45
N VAL B 145 3.70 5.09 -8.56
CA VAL B 145 4.04 6.51 -8.55
C VAL B 145 4.71 6.90 -7.25
N TYR B 146 4.16 6.47 -6.13
CA TYR B 146 4.80 6.84 -4.86
C TYR B 146 6.17 6.19 -4.75
N GLY B 147 6.31 4.97 -5.23
CA GLY B 147 7.60 4.30 -5.15
C GLY B 147 8.64 4.97 -6.03
N VAL B 148 8.27 5.33 -7.25
CA VAL B 148 9.21 6.00 -8.14
C VAL B 148 9.57 7.38 -7.62
N TRP B 149 8.58 8.13 -7.13
CA TRP B 149 8.84 9.44 -6.54
C TRP B 149 9.76 9.33 -5.33
N ARG B 150 9.46 8.42 -4.41
CA ARG B 150 10.33 8.25 -3.25
C ARG B 150 11.75 7.87 -3.67
N ALA B 151 11.88 6.96 -4.64
CA ALA B 151 13.22 6.59 -5.09
C ALA B 151 13.94 7.80 -5.67
N LYS B 152 13.22 8.63 -6.42
CA LYS B 152 13.86 9.83 -6.96
C LYS B 152 14.27 10.77 -5.82
N GLU B 153 13.38 10.96 -4.84
CA GLU B 153 13.68 11.84 -3.71
C GLU B 153 14.88 11.32 -2.91
N LYS B 154 15.09 10.02 -2.87
CA LYS B 154 16.23 9.46 -2.15
C LYS B 154 17.49 9.37 -2.99
N GLY B 155 17.46 9.83 -4.24
CA GLY B 155 18.63 9.80 -5.08
C GLY B 155 18.91 8.46 -5.71
N LEU B 156 17.91 7.59 -5.80
CA LEU B 156 18.12 6.28 -6.39
C LEU B 156 17.89 6.26 -7.90
N ILE B 157 17.14 7.22 -8.42
CA ILE B 157 16.84 7.37 -9.83
C ILE B 157 17.23 8.77 -10.21
N ASP B 158 17.83 8.93 -11.38
CA ASP B 158 18.02 10.28 -11.93
C ASP B 158 17.93 10.17 -13.44
N LEU B 159 16.76 10.47 -13.97
CA LEU B 159 16.56 10.34 -15.41
C LEU B 159 17.49 11.22 -16.23
N HIS B 160 18.10 12.23 -15.62
CA HIS B 160 18.94 13.13 -16.40
CA HIS B 160 18.96 13.17 -16.35
C HIS B 160 20.34 12.58 -16.63
N SER B 161 20.78 11.60 -15.85
CA SER B 161 22.04 10.92 -16.10
C SER B 161 21.82 9.47 -16.56
N PHE B 162 20.60 9.13 -16.93
CA PHE B 162 20.27 7.75 -17.25
C PHE B 162 20.83 7.37 -18.63
N ASN B 163 21.50 6.21 -18.71
CA ASN B 163 22.11 5.73 -19.95
C ASN B 163 21.22 4.65 -20.56
N LEU B 164 20.44 5.03 -21.57
CA LEU B 164 19.52 4.09 -22.19
C LEU B 164 20.25 2.95 -22.88
N GLU B 165 21.37 3.26 -23.55
CA GLU B 165 22.12 2.22 -24.25
C GLU B 165 22.60 1.13 -23.29
N SER B 166 23.22 1.54 -22.18
CA SER B 166 23.69 0.55 -21.21
C SER B 166 22.51 -0.20 -20.58
N TYR B 167 21.45 0.51 -20.22
CA TYR B 167 20.28 -0.12 -19.62
C TYR B 167 19.76 -1.24 -20.51
N GLU B 168 19.51 -0.93 -21.77
CA GLU B 168 18.89 -1.90 -22.66
C GLU B 168 19.85 -3.02 -23.04
N LYS B 169 21.14 -2.71 -23.12
CA LYS B 169 22.11 -3.74 -23.48
C LYS B 169 22.16 -4.84 -22.41
N TYR B 170 22.39 -4.46 -21.15
CA TYR B 170 22.69 -5.46 -20.13
C TYR B 170 21.47 -6.24 -19.68
N GLU B 171 20.27 -5.76 -19.99
CA GLU B 171 19.06 -6.54 -19.76
C GLU B 171 18.99 -7.80 -20.61
N HIS B 172 19.70 -7.83 -21.74
CA HIS B 172 19.64 -8.99 -22.64
C HIS B 172 20.34 -10.18 -22.03
N VAL B 173 19.77 -11.37 -22.27
CA VAL B 173 20.37 -12.60 -21.75
CA VAL B 173 20.37 -12.61 -21.77
C VAL B 173 21.82 -12.73 -22.22
N GLU B 174 22.09 -12.39 -23.48
CA GLU B 174 23.43 -12.63 -24.00
C GLU B 174 24.47 -11.67 -23.42
N PHE B 175 24.06 -10.64 -22.68
CA PHE B 175 25.02 -9.72 -22.05
C PHE B 175 24.94 -9.79 -20.53
N GLY B 176 24.16 -10.71 -19.98
CA GLY B 176 24.18 -11.01 -18.56
C GLY B 176 22.85 -10.88 -17.86
N ASP B 177 21.82 -10.33 -18.50
CA ASP B 177 20.49 -10.17 -17.90
C ASP B 177 20.59 -9.56 -16.49
N PHE B 178 21.11 -8.35 -16.43
CA PHE B 178 21.16 -7.65 -15.15
C PHE B 178 20.68 -6.21 -15.27
N ASN B 179 20.37 -5.61 -14.11
CA ASN B 179 20.03 -4.20 -13.99
C ASN B 179 20.76 -3.66 -12.78
N VAL B 180 21.41 -2.52 -12.93
CA VAL B 180 21.78 -1.73 -11.77
C VAL B 180 20.51 -1.15 -11.18
N LEU B 181 20.16 -1.54 -9.96
CA LEU B 181 18.88 -1.07 -9.41
C LEU B 181 19.00 0.27 -8.71
N THR B 182 20.08 0.44 -7.93
CA THR B 182 20.38 1.62 -7.16
C THR B 182 21.88 1.82 -7.15
N PRO B 183 22.39 2.91 -6.57
CA PRO B 183 23.86 3.04 -6.46
C PRO B 183 24.50 1.92 -5.66
N ASP B 184 23.74 1.15 -4.89
CA ASP B 184 24.28 0.07 -4.07
C ASP B 184 24.10 -1.33 -4.66
N PHE B 185 23.06 -1.56 -5.48
CA PHE B 185 22.65 -2.91 -5.79
C PHE B 185 22.54 -3.14 -7.30
N ILE B 186 22.94 -4.35 -7.71
CA ILE B 186 22.66 -4.93 -9.00
C ILE B 186 21.87 -6.21 -8.77
N ALA B 187 20.85 -6.42 -9.59
CA ALA B 187 20.11 -7.68 -9.62
C ALA B 187 20.40 -8.37 -10.95
N PHE B 188 20.71 -9.67 -10.92
CA PHE B 188 21.02 -10.32 -12.17
C PHE B 188 20.55 -11.77 -12.15
N ALA B 189 20.43 -12.37 -13.32
CA ALA B 189 20.17 -13.80 -13.42
C ALA B 189 21.47 -14.58 -13.19
N SER B 190 21.33 -15.80 -12.67
CA SER B 190 22.53 -16.61 -12.42
C SER B 190 23.33 -16.78 -13.70
N PRO B 191 24.65 -16.52 -13.69
CA PRO B 191 25.51 -17.04 -14.76
C PRO B 191 25.39 -18.55 -14.81
N GLN B 192 25.78 -19.13 -15.95
CA GLN B 192 25.79 -20.57 -16.12
C GLN B 192 27.03 -20.96 -16.89
N GLU B 193 27.60 -22.10 -16.53
CA GLU B 193 28.78 -22.59 -17.21
C GLU B 193 28.88 -24.09 -17.00
N ASP B 194 29.65 -24.73 -17.87
CA ASP B 194 30.12 -26.08 -17.64
C ASP B 194 31.55 -25.95 -17.16
N HIS B 195 31.73 -26.00 -15.87
CA HIS B 195 33.06 -25.79 -15.31
C HIS B 195 33.83 -27.11 -15.32
N PRO B 196 35.02 -27.17 -15.93
CA PRO B 196 35.81 -28.41 -15.89
C PRO B 196 36.11 -28.86 -14.47
N LYS B 197 35.98 -30.17 -14.24
CA LYS B 197 35.96 -30.71 -12.87
C LYS B 197 37.36 -30.88 -12.28
N GLY B 198 38.38 -31.11 -13.10
CA GLY B 198 39.73 -31.26 -12.60
C GLY B 198 40.50 -29.95 -12.61
N TYR B 199 41.72 -30.01 -12.09
CA TYR B 199 42.64 -28.90 -12.23
C TYR B 199 43.23 -28.90 -13.63
N LEU B 200 43.30 -27.71 -14.23
CA LEU B 200 43.93 -27.53 -15.54
C LEU B 200 44.82 -26.30 -15.49
N ALA B 201 46.01 -26.43 -16.07
CA ALA B 201 46.99 -25.35 -16.15
C ALA B 201 46.74 -24.39 -17.30
N THR B 202 45.64 -24.55 -18.03
CA THR B 202 45.39 -23.75 -19.21
C THR B 202 44.94 -22.34 -18.84
N LYS B 203 45.45 -21.35 -19.58
CA LYS B 203 45.01 -19.96 -19.44
C LYS B 203 43.75 -19.67 -20.24
N SER B 204 43.31 -20.59 -21.09
CA SER B 204 42.17 -20.35 -21.98
C SER B 204 40.87 -20.30 -21.19
N SER B 205 39.96 -19.45 -21.64
CA SER B 205 38.68 -19.26 -20.98
C SER B 205 37.65 -20.24 -21.54
N HIS B 206 36.82 -20.78 -20.64
CA HIS B 206 35.69 -21.61 -20.99
C HIS B 206 34.36 -20.91 -20.70
N LEU B 207 34.38 -19.63 -20.38
CA LEU B 207 33.15 -18.91 -20.00
C LEU B 207 32.44 -18.39 -21.24
N ASN B 208 31.10 -18.44 -21.21
CA ASN B 208 30.32 -17.91 -22.31
C ASN B 208 30.26 -16.37 -22.27
N GLN B 209 29.75 -15.80 -23.35
CA GLN B 209 29.74 -14.34 -23.49
C GLN B 209 28.96 -13.64 -22.37
N PRO B 210 27.75 -14.06 -21.97
CA PRO B 210 27.09 -13.34 -20.88
C PRO B 210 27.88 -13.37 -19.57
N PHE B 211 28.55 -14.49 -19.27
CA PHE B 211 29.34 -14.57 -18.05
C PHE B 211 30.52 -13.59 -18.12
N LYS B 212 31.23 -13.55 -19.25
CA LYS B 212 32.32 -12.59 -19.39
C LYS B 212 31.80 -11.16 -19.28
N SER B 213 30.60 -10.92 -19.83
CA SER B 213 30.00 -9.59 -19.80
C SER B 213 29.71 -9.14 -18.38
N VAL B 214 29.11 -10.03 -17.56
CA VAL B 214 28.89 -9.78 -16.14
C VAL B 214 30.23 -9.50 -15.43
N LEU B 215 31.23 -10.35 -15.68
CA LEU B 215 32.50 -10.19 -14.95
C LEU B 215 33.16 -8.87 -15.29
N ASN B 216 33.16 -8.49 -16.56
CA ASN B 216 33.77 -7.23 -16.96
C ASN B 216 33.04 -6.03 -16.37
N PHE B 217 31.69 -6.04 -16.43
CA PHE B 217 30.93 -4.95 -15.84
C PHE B 217 31.14 -4.88 -14.33
N PHE B 218 31.16 -6.03 -13.67
CA PHE B 218 31.31 -6.00 -12.22
C PHE B 218 32.69 -5.49 -11.83
N ALA B 219 33.72 -5.91 -12.55
CA ALA B 219 35.07 -5.44 -12.31
C ALA B 219 35.19 -3.93 -12.50
N ASN B 220 34.43 -3.37 -13.43
CA ASN B 220 34.55 -1.96 -13.73
C ASN B 220 33.58 -1.09 -12.94
N ASN B 221 32.70 -1.70 -12.14
CA ASN B 221 31.64 -0.91 -11.53
C ASN B 221 31.58 -1.12 -10.03
N ASN B 222 32.73 -1.49 -9.44
CA ASN B 222 32.92 -1.49 -7.99
C ASN B 222 31.98 -2.47 -7.29
N VAL B 223 31.67 -3.61 -7.92
CA VAL B 223 30.97 -4.68 -7.22
C VAL B 223 31.95 -5.36 -6.29
N GLN B 224 31.61 -5.44 -5.02
CA GLN B 224 32.52 -6.02 -4.03
C GLN B 224 31.99 -7.30 -3.43
N LEU B 225 30.71 -7.63 -3.65
CA LEU B 225 30.10 -8.82 -3.11
C LEU B 225 29.06 -9.32 -4.11
N VAL B 226 29.13 -10.60 -4.44
CA VAL B 226 28.07 -11.30 -5.16
C VAL B 226 27.35 -12.19 -4.18
N VAL B 227 26.02 -12.08 -4.08
CA VAL B 227 25.22 -12.97 -3.25
C VAL B 227 24.43 -13.90 -4.17
N ARG B 228 24.58 -15.20 -3.93
CA ARG B 228 23.93 -16.22 -4.74
C ARG B 228 22.79 -16.82 -3.94
N LEU B 229 21.60 -16.85 -4.51
CA LEU B 229 20.44 -17.31 -3.77
C LEU B 229 19.91 -18.63 -4.31
N ASN B 230 20.41 -19.12 -5.44
CA ASN B 230 19.93 -20.37 -6.00
C ASN B 230 21.04 -21.40 -6.01
N SER B 231 20.66 -22.60 -6.44
CA SER B 231 21.61 -23.70 -6.51
C SER B 231 22.72 -23.36 -7.51
N HIS B 232 23.83 -24.07 -7.38
CA HIS B 232 25.06 -23.71 -8.08
C HIS B 232 24.99 -24.03 -9.58
N LEU B 233 25.05 -22.99 -10.41
CA LEU B 233 25.13 -23.18 -11.85
C LEU B 233 26.48 -22.78 -12.42
N TYR B 234 27.41 -22.34 -11.58
CA TYR B 234 28.73 -21.88 -12.00
C TYR B 234 29.65 -22.02 -10.80
N ASN B 235 30.94 -21.97 -11.07
CA ASN B 235 31.92 -22.00 -9.99
C ASN B 235 32.22 -20.58 -9.53
N LYS B 236 32.08 -20.34 -8.22
CA LYS B 236 32.30 -19.02 -7.66
C LYS B 236 33.72 -18.50 -7.83
N LYS B 237 34.68 -19.39 -8.14
CA LYS B 237 36.07 -18.94 -8.29
C LYS B 237 36.17 -17.83 -9.34
N HIS B 238 35.28 -17.80 -10.33
CA HIS B 238 35.40 -16.79 -11.37
C HIS B 238 35.16 -15.38 -10.82
N PHE B 239 34.36 -15.24 -9.77
CA PHE B 239 34.23 -13.93 -9.15
C PHE B 239 35.39 -13.67 -8.20
N GLU B 240 35.77 -14.71 -7.47
CA GLU B 240 36.89 -14.58 -6.54
C GLU B 240 38.20 -14.31 -7.27
N ASP B 241 38.33 -14.80 -8.51
N ASP B 241 38.34 -14.77 -8.50
CA ASP B 241 39.55 -14.54 -9.29
CA ASP B 241 39.62 -14.51 -9.15
C ASP B 241 39.79 -13.05 -9.48
C ASP B 241 39.70 -13.11 -9.78
N ILE B 242 38.73 -12.24 -9.50
CA ILE B 242 38.86 -10.81 -9.74
C ILE B 242 38.60 -10.02 -8.45
N GLY B 243 38.74 -10.68 -7.31
CA GLY B 243 38.75 -10.00 -6.05
C GLY B 243 37.39 -9.71 -5.48
N ILE B 244 36.34 -10.34 -6.00
CA ILE B 244 34.98 -10.07 -5.57
C ILE B 244 34.56 -11.16 -4.60
N GLN B 245 34.11 -10.76 -3.43
CA GLN B 245 33.66 -11.73 -2.45
C GLN B 245 32.38 -12.42 -2.94
N HIS B 246 32.26 -13.72 -2.67
CA HIS B 246 31.09 -14.49 -3.09
C HIS B 246 30.46 -15.16 -1.89
N LEU B 247 29.14 -15.02 -1.75
CA LEU B 247 28.40 -15.53 -0.60
C LEU B 247 27.14 -16.23 -1.07
N ASP B 248 26.92 -17.45 -0.58
CA ASP B 248 25.67 -18.19 -0.77
C ASP B 248 24.72 -17.84 0.38
N LEU B 249 23.48 -17.46 0.06
CA LEU B 249 22.38 -17.40 1.02
C LEU B 249 21.20 -18.10 0.38
N ILE B 250 21.37 -19.40 0.11
CA ILE B 250 20.48 -20.08 -0.82
C ILE B 250 19.17 -20.44 -0.12
N PHE B 251 18.06 -20.23 -0.83
CA PHE B 251 16.78 -20.79 -0.41
C PHE B 251 15.99 -21.19 -1.65
N GLU B 252 14.99 -22.05 -1.43
CA GLU B 252 14.33 -22.76 -2.52
C GLU B 252 13.54 -21.81 -3.43
N ASP B 253 13.60 -22.10 -4.74
CA ASP B 253 12.86 -21.37 -5.73
C ASP B 253 11.39 -21.25 -5.32
N GLY B 254 10.84 -20.04 -5.47
CA GLY B 254 9.45 -19.77 -5.21
C GLY B 254 9.06 -19.73 -3.75
N THR B 255 10.02 -19.66 -2.82
CA THR B 255 9.71 -19.62 -1.41
C THR B 255 10.12 -18.27 -0.82
N CYS B 256 9.70 -18.04 0.43
CA CYS B 256 10.12 -16.80 1.06
C CYS B 256 11.23 -17.07 2.06
N PRO B 257 12.22 -16.18 2.17
CA PRO B 257 13.38 -16.47 3.02
C PRO B 257 13.04 -16.37 4.50
N ASP B 258 13.60 -17.28 5.29
CA ASP B 258 13.53 -17.10 6.73
CA ASP B 258 13.56 -17.12 6.73
C ASP B 258 14.13 -15.76 7.11
N LEU B 259 13.56 -15.14 8.14
CA LEU B 259 14.08 -13.84 8.57
C LEU B 259 15.53 -13.91 9.01
N SER B 260 16.04 -15.08 9.40
CA SER B 260 17.46 -15.19 9.68
C SER B 260 18.29 -14.94 8.43
N ILE B 261 17.86 -15.45 7.27
CA ILE B 261 18.50 -15.15 6.00
C ILE B 261 18.43 -13.66 5.72
N VAL B 262 17.27 -13.03 5.95
CA VAL B 262 17.13 -11.62 5.64
C VAL B 262 18.05 -10.78 6.51
N LYS B 263 18.12 -11.10 7.80
CA LYS B 263 18.99 -10.31 8.67
C LYS B 263 20.46 -10.48 8.30
N ASN B 264 20.87 -11.71 7.96
CA ASN B 264 22.23 -11.91 7.46
C ASN B 264 22.48 -11.10 6.19
N PHE B 265 21.52 -11.09 5.27
CA PHE B 265 21.72 -10.34 4.04
C PHE B 265 21.83 -8.84 4.32
N VAL B 266 20.95 -8.31 5.16
CA VAL B 266 20.96 -6.86 5.39
C VAL B 266 22.28 -6.46 6.03
N GLY B 267 22.76 -7.24 6.99
CA GLY B 267 24.06 -6.97 7.59
C GLY B 267 25.20 -7.09 6.59
N ALA B 268 25.19 -8.15 5.76
CA ALA B 268 26.24 -8.27 4.74
C ALA B 268 26.22 -7.07 3.80
N ALA B 269 25.03 -6.66 3.36
CA ALA B 269 24.94 -5.53 2.44
C ALA B 269 25.38 -4.23 3.10
N GLU B 270 24.95 -4.01 4.34
CA GLU B 270 25.38 -2.83 5.09
C GLU B 270 26.89 -2.78 5.23
N THR B 271 27.52 -3.92 5.53
CA THR B 271 28.97 -3.99 5.64
C THR B 271 29.65 -3.50 4.37
N ILE B 272 29.15 -3.95 3.22
CA ILE B 272 29.72 -3.55 1.94
C ILE B 272 29.43 -2.09 1.64
N ILE B 273 28.17 -1.68 1.84
CA ILE B 273 27.79 -0.29 1.59
C ILE B 273 28.66 0.67 2.41
N LYS B 274 28.94 0.30 3.65
CA LYS B 274 29.78 1.15 4.49
C LYS B 274 31.21 1.25 3.98
N ARG B 275 31.68 0.25 3.24
CA ARG B 275 32.97 0.35 2.55
C ARG B 275 32.86 1.07 1.21
N GLY B 276 31.65 1.42 0.78
CA GLY B 276 31.46 2.09 -0.49
C GLY B 276 31.26 1.21 -1.71
N GLY B 277 31.06 -0.11 -1.53
CA GLY B 277 30.96 -1.02 -2.66
C GLY B 277 29.51 -1.32 -3.06
N LYS B 278 29.38 -1.97 -4.21
CA LYS B 278 28.10 -2.45 -4.67
C LYS B 278 27.94 -3.94 -4.33
N ILE B 279 26.68 -4.36 -4.16
CA ILE B 279 26.33 -5.76 -3.96
C ILE B 279 25.53 -6.20 -5.17
N ALA B 280 25.94 -7.31 -5.80
CA ALA B 280 25.22 -7.89 -6.91
C ALA B 280 24.57 -9.18 -6.41
N VAL B 281 23.26 -9.29 -6.58
CA VAL B 281 22.48 -10.39 -6.04
C VAL B 281 21.86 -11.16 -7.19
N HIS B 282 21.97 -12.50 -7.16
CA HIS B 282 21.22 -13.26 -8.15
C HIS B 282 20.55 -14.46 -7.52
N CYS B 283 19.43 -14.86 -8.13
CA CYS B 283 18.85 -16.18 -7.94
C CYS B 283 18.90 -16.84 -9.31
N LYS B 284 17.89 -17.63 -9.68
CA LYS B 284 17.94 -18.19 -11.03
C LYS B 284 17.66 -17.12 -12.06
N ALA B 285 16.54 -16.40 -11.90
CA ALA B 285 16.14 -15.34 -12.82
C ALA B 285 16.53 -13.94 -12.35
N GLY B 286 16.91 -13.77 -11.08
CA GLY B 286 17.16 -12.42 -10.59
C GLY B 286 15.90 -11.62 -10.36
N LEU B 287 14.79 -12.28 -10.02
CA LEU B 287 13.49 -11.61 -9.89
C LEU B 287 12.86 -11.86 -8.53
N GLY B 288 12.57 -13.12 -8.19
CA GLY B 288 11.76 -13.34 -7.01
C GLY B 288 12.59 -13.33 -5.74
N ARG B 289 13.40 -14.37 -5.59
CA ARG B 289 14.23 -14.45 -4.38
C ARG B 289 15.11 -13.20 -4.25
N THR B 290 15.69 -12.73 -5.35
CA THR B 290 16.54 -11.53 -5.30
C THR B 290 15.74 -10.31 -4.87
N GLY B 291 14.51 -10.19 -5.34
CA GLY B 291 13.65 -9.08 -4.92
C GLY B 291 13.27 -9.11 -3.45
N CYS B 292 13.07 -10.31 -2.87
CA CYS B 292 12.82 -10.39 -1.43
C CYS B 292 13.91 -9.69 -0.64
N LEU B 293 15.17 -9.98 -0.97
CA LEU B 293 16.26 -9.53 -0.10
C LEU B 293 16.64 -8.08 -0.39
N ILE B 294 16.76 -7.72 -1.67
CA ILE B 294 17.03 -6.30 -1.96
C ILE B 294 15.85 -5.44 -1.53
N GLY B 295 14.62 -5.93 -1.71
CA GLY B 295 13.48 -5.14 -1.27
C GLY B 295 13.45 -4.93 0.23
N ALA B 296 13.78 -5.96 0.99
CA ALA B 296 13.85 -5.80 2.44
C ALA B 296 14.87 -4.74 2.80
N HIS B 297 16.02 -4.75 2.13
CA HIS B 297 17.05 -3.74 2.43
C HIS B 297 16.58 -2.34 2.05
N LEU B 298 15.91 -2.21 0.91
CA LEU B 298 15.39 -0.89 0.52
C LEU B 298 14.37 -0.37 1.52
N ILE B 299 13.50 -1.25 2.03
CA ILE B 299 12.53 -0.83 3.03
C ILE B 299 13.25 -0.43 4.32
N TYR B 300 14.15 -1.29 4.78
CA TYR B 300 15.00 -0.99 5.94
C TYR B 300 15.70 0.37 5.82
N THR B 301 16.22 0.68 4.63
CA THR B 301 17.03 1.88 4.46
C THR B 301 16.18 3.12 4.26
N TYR B 302 15.17 3.04 3.38
CA TYR B 302 14.51 4.22 2.86
C TYR B 302 13.04 4.33 3.24
N GLY B 303 12.46 3.36 3.94
CA GLY B 303 11.09 3.48 4.40
C GLY B 303 10.02 3.35 3.33
N PHE B 304 10.36 2.79 2.16
CA PHE B 304 9.33 2.41 1.19
C PHE B 304 8.26 1.58 1.88
N THR B 305 7.00 1.74 1.46
CA THR B 305 6.03 0.67 1.71
C THR B 305 6.38 -0.54 0.86
N ALA B 306 5.87 -1.70 1.26
CA ALA B 306 6.11 -2.89 0.44
C ALA B 306 5.63 -2.69 -0.99
N ASN B 307 4.42 -2.13 -1.15
CA ASN B 307 3.87 -1.92 -2.50
C ASN B 307 4.72 -0.94 -3.31
N GLU B 308 5.17 0.15 -2.68
CA GLU B 308 6.08 1.07 -3.34
C GLU B 308 7.37 0.37 -3.75
N CYS B 309 7.90 -0.44 -2.84
CA CYS B 309 9.16 -1.10 -3.11
C CYS B 309 9.05 -2.03 -4.30
N ILE B 310 7.99 -2.83 -4.32
CA ILE B 310 7.74 -3.69 -5.47
C ILE B 310 7.57 -2.83 -6.74
N GLY B 311 6.80 -1.75 -6.65
CA GLY B 311 6.61 -0.89 -7.83
C GLY B 311 7.93 -0.33 -8.34
N PHE B 312 8.77 0.17 -7.42
CA PHE B 312 10.04 0.73 -7.83
C PHE B 312 10.94 -0.33 -8.44
N LEU B 313 11.02 -1.50 -7.81
CA LEU B 313 11.90 -2.55 -8.31
C LEU B 313 11.47 -2.96 -9.70
N ARG B 314 10.16 -3.07 -9.93
CA ARG B 314 9.69 -3.50 -11.24
C ARG B 314 9.83 -2.40 -12.28
N PHE B 315 9.79 -1.14 -11.87
CA PHE B 315 10.04 -0.04 -12.79
C PHE B 315 11.45 -0.11 -13.37
N ILE B 316 12.41 -0.60 -12.59
CA ILE B 316 13.78 -0.77 -13.11
C ILE B 316 13.97 -2.13 -13.74
N ARG B 317 13.48 -3.18 -13.08
CA ARG B 317 13.68 -4.55 -13.52
C ARG B 317 12.34 -5.27 -13.48
N PRO B 318 11.62 -5.32 -14.59
CA PRO B 318 10.28 -5.91 -14.57
C PRO B 318 10.29 -7.32 -14.04
N GLY B 319 9.24 -7.66 -13.31
CA GLY B 319 9.07 -9.00 -12.83
C GLY B 319 9.57 -9.30 -11.43
N MET B 320 10.24 -8.37 -10.75
CA MET B 320 10.78 -8.72 -9.43
C MET B 320 9.68 -8.92 -8.38
N VAL B 321 9.96 -9.81 -7.44
CA VAL B 321 9.08 -10.18 -6.31
C VAL B 321 7.87 -10.97 -6.83
N VAL B 322 7.90 -12.29 -6.66
CA VAL B 322 7.00 -13.20 -7.37
C VAL B 322 6.07 -13.94 -6.41
N GLY B 323 4.80 -14.03 -6.80
CA GLY B 323 3.87 -14.90 -6.13
C GLY B 323 3.74 -14.57 -4.66
N PRO B 324 3.89 -15.59 -3.80
CA PRO B 324 3.71 -15.38 -2.35
C PRO B 324 4.74 -14.44 -1.74
N GLN B 325 5.85 -14.18 -2.43
CA GLN B 325 6.84 -13.23 -1.92
C GLN B 325 6.26 -11.82 -1.79
N GLN B 326 5.19 -11.50 -2.53
CA GLN B 326 4.58 -10.17 -2.43
C GLN B 326 3.89 -10.01 -1.08
N HIS B 327 3.03 -10.98 -0.71
CA HIS B 327 2.38 -10.96 0.59
C HIS B 327 3.39 -11.03 1.71
N TRP B 328 4.49 -11.77 1.50
CA TRP B 328 5.54 -11.86 2.51
C TRP B 328 6.19 -10.50 2.74
N LEU B 329 6.55 -9.79 1.64
CA LEU B 329 7.14 -8.47 1.81
C LEU B 329 6.16 -7.54 2.50
N TYR B 330 4.87 -7.63 2.12
CA TYR B 330 3.83 -6.79 2.70
C TYR B 330 3.66 -7.06 4.19
N LEU B 331 3.75 -8.33 4.59
CA LEU B 331 3.52 -8.68 5.98
C LEU B 331 4.74 -8.41 6.87
N HIS B 332 5.94 -8.31 6.30
CA HIS B 332 7.13 -8.09 7.10
C HIS B 332 7.70 -6.69 6.96
N GLN B 333 7.06 -5.81 6.21
CA GLN B 333 7.66 -4.49 6.00
C GLN B 333 7.89 -3.75 7.32
N ASN B 334 7.00 -3.90 8.32
CA ASN B 334 7.21 -3.24 9.61
C ASN B 334 8.47 -3.77 10.29
N ASP B 335 8.71 -5.09 10.18
CA ASP B 335 9.91 -5.68 10.77
C ASP B 335 11.16 -5.04 10.20
N PHE B 336 11.23 -4.92 8.86
CA PHE B 336 12.43 -4.38 8.23
C PHE B 336 12.71 -2.97 8.72
N ARG B 337 11.67 -2.15 8.89
CA ARG B 337 11.88 -0.80 9.42
CA ARG B 337 11.84 -0.80 9.42
CA ARG B 337 11.92 -0.81 9.42
C ARG B 337 12.20 -0.83 10.91
N GLU B 338 11.60 -1.75 11.65
CA GLU B 338 11.90 -1.95 13.05
C GLU B 338 13.40 -2.10 13.27
N TRP B 339 14.06 -2.86 12.39
CA TRP B 339 15.43 -3.26 12.61
C TRP B 339 16.36 -2.08 12.69
N LYS B 340 16.01 -0.93 12.11
CA LYS B 340 16.87 0.24 12.26
C LYS B 340 17.06 0.62 13.73
N TYR B 341 16.08 0.28 14.57
CA TYR B 341 16.06 0.63 15.99
C TYR B 341 16.38 -0.54 16.89
N THR B 342 16.07 -1.75 16.45
CA THR B 342 16.19 -2.91 17.32
C THR B 342 17.43 -3.74 17.03
N THR B 343 18.16 -3.46 15.95
CA THR B 343 19.37 -4.21 15.63
C THR B 343 20.52 -3.25 15.40
N ARG B 344 21.71 -3.82 15.44
CA ARG B 344 22.93 -3.15 15.04
C ARG B 344 23.72 -4.10 14.16
N ILE B 345 24.66 -3.54 13.41
CA ILE B 345 25.60 -4.39 12.68
C ILE B 345 26.53 -5.05 13.68
N SER B 346 26.64 -6.38 13.61
CA SER B 346 27.46 -7.11 14.56
C SER B 346 28.91 -6.63 14.55
N LEU B 347 29.53 -6.57 15.73
CA LEU B 347 30.95 -6.31 15.82
C LEU B 347 31.79 -7.57 15.63
N LYS B 348 31.16 -8.75 15.68
CA LYS B 348 31.82 -10.00 15.43
C LYS B 348 31.37 -10.59 14.10
N PRO B 349 32.30 -11.07 13.30
CA PRO B 349 31.93 -11.64 12.01
C PRO B 349 31.21 -12.96 12.21
N SER B 350 30.42 -13.31 11.21
CA SER B 350 29.71 -14.58 11.21
C SER B 350 30.19 -15.41 10.02
N GLU B 351 30.49 -16.69 10.28
CA GLU B 351 30.84 -17.59 9.18
C GLU B 351 29.68 -17.75 8.20
N ALA B 352 28.45 -17.58 8.68
CA ALA B 352 27.28 -17.72 7.82
C ALA B 352 27.25 -16.70 6.69
N ILE B 353 27.95 -15.57 6.83
CA ILE B 353 28.03 -14.62 5.72
C ILE B 353 29.48 -14.28 5.37
N GLY B 354 30.37 -15.28 5.42
CA GLY B 354 31.73 -15.12 4.91
C GLY B 354 32.58 -14.10 5.64
N GLY B 355 32.37 -13.94 6.95
CA GLY B 355 33.10 -12.96 7.72
C GLY B 355 32.58 -11.54 7.65
N LEU B 356 31.46 -11.31 6.94
CA LEU B 356 30.77 -10.04 7.06
C LEU B 356 29.98 -10.02 8.38
N TYR B 357 29.35 -8.87 8.67
CA TYR B 357 28.75 -8.69 9.96
C TYR B 357 27.22 -8.76 9.86
N PRO B 358 26.55 -9.69 10.56
CA PRO B 358 25.08 -9.77 10.47
C PRO B 358 24.41 -8.75 11.38
N LEU B 359 23.11 -8.56 11.16
CA LEU B 359 22.29 -7.82 12.11
C LEU B 359 22.15 -8.63 13.39
N ILE B 360 22.35 -7.97 14.54
CA ILE B 360 22.15 -8.59 15.84
C ILE B 360 21.34 -7.64 16.72
N SER B 361 20.83 -8.18 17.82
CA SER B 361 20.01 -7.38 18.72
C SER B 361 20.85 -6.32 19.44
N LEU B 362 20.17 -5.28 19.92
CA LEU B 362 20.85 -4.26 20.73
C LEU B 362 21.55 -4.88 21.94
N GLU B 363 20.89 -5.84 22.60
CA GLU B 363 21.49 -6.47 23.78
C GLU B 363 22.73 -7.29 23.40
N GLU B 364 22.66 -8.03 22.31
CA GLU B 364 23.84 -8.72 21.81
C GLU B 364 24.96 -7.74 21.54
N TYR B 365 24.63 -6.64 20.87
CA TYR B 365 25.62 -5.61 20.55
C TYR B 365 26.27 -5.08 21.81
N ARG B 366 25.46 -4.64 22.78
CA ARG B 366 26.00 -4.16 24.05
C ARG B 366 26.96 -5.19 24.66
N LEU B 367 26.61 -6.47 24.58
CA LEU B 367 27.46 -7.52 25.14
C LEU B 367 28.77 -7.68 24.38
N GLN B 368 28.74 -7.53 23.06
CA GLN B 368 29.93 -7.74 22.26
C GLN B 368 31.02 -6.72 22.54
N LYS B 369 30.68 -5.59 23.16
CA LYS B 369 31.69 -4.60 23.49
C LYS B 369 32.42 -4.91 24.78
N LYS B 370 32.09 -6.01 25.46
CA LYS B 370 32.73 -6.44 26.69
C LYS B 370 33.40 -7.79 26.53
N LYS B 371 34.29 -8.11 27.47
CA LYS B 371 34.92 -9.42 27.55
C LYS B 371 34.11 -10.29 28.50
N LEU B 372 33.40 -11.27 27.94
CA LEU B 372 32.58 -12.16 28.74
C LEU B 372 33.39 -12.83 29.83
N LYS B 373 32.84 -12.84 31.04
CA LYS B 373 33.54 -13.44 32.18
C LYS B 373 32.74 -14.61 32.74
N PHE C 7 -22.58 -16.75 15.04
CA PHE C 7 -23.81 -16.75 14.25
C PHE C 7 -24.58 -18.06 14.44
N LYS C 8 -24.40 -18.69 15.60
CA LYS C 8 -25.08 -19.94 15.94
C LYS C 8 -24.92 -20.98 14.84
N ASN C 9 -25.98 -21.18 14.05
CA ASN C 9 -25.93 -22.10 12.91
C ASN C 9 -25.37 -21.35 11.69
N ALA C 10 -24.06 -21.09 11.75
CA ALA C 10 -23.37 -20.51 10.60
C ALA C 10 -22.78 -21.63 9.76
N PRO C 11 -23.08 -21.69 8.47
CA PRO C 11 -22.52 -22.75 7.62
C PRO C 11 -21.00 -22.69 7.58
N LEU C 12 -20.38 -23.87 7.46
CA LEU C 12 -18.94 -23.99 7.31
C LEU C 12 -18.57 -23.71 5.86
N LEU C 13 -17.84 -22.62 5.61
CA LEU C 13 -17.33 -22.30 4.28
C LEU C 13 -15.82 -22.11 4.38
N ALA C 14 -15.10 -23.22 4.56
CA ALA C 14 -13.68 -23.14 4.82
C ALA C 14 -12.93 -22.72 3.55
N PRO C 15 -11.81 -22.03 3.70
CA PRO C 15 -11.04 -21.63 2.52
C PRO C 15 -10.63 -22.84 1.71
N PRO C 16 -10.48 -22.70 0.39
CA PRO C 16 -10.17 -23.86 -0.45
C PRO C 16 -8.69 -24.23 -0.42
N SER D 6 20.88 14.40 -19.94
CA SER D 6 19.68 14.43 -20.75
C SER D 6 18.60 15.38 -20.22
N PHE D 7 17.64 15.68 -21.10
CA PHE D 7 16.41 16.41 -20.77
C PHE D 7 16.71 17.83 -20.31
N LYS D 8 17.61 18.48 -21.04
CA LYS D 8 17.60 19.92 -21.27
C LYS D 8 16.67 20.29 -22.43
N ASN D 9 16.23 19.31 -23.22
CA ASN D 9 15.22 19.47 -24.27
C ASN D 9 13.81 19.51 -23.71
N ALA D 10 13.65 19.38 -22.40
CA ALA D 10 12.33 19.21 -21.81
C ALA D 10 11.56 20.53 -21.84
N PRO D 11 10.41 20.59 -22.50
CA PRO D 11 9.53 21.74 -22.35
C PRO D 11 9.04 21.82 -20.92
N LEU D 12 8.66 23.03 -20.52
CA LEU D 12 8.09 23.22 -19.19
C LEU D 12 6.63 22.78 -19.16
N LEU D 13 6.31 21.81 -18.29
CA LEU D 13 4.94 21.33 -18.08
C LEU D 13 4.66 21.32 -16.57
N ALA D 14 4.47 22.52 -16.01
CA ALA D 14 4.34 22.64 -14.57
C ALA D 14 2.99 22.11 -14.12
N PRO D 15 2.90 21.55 -12.90
CA PRO D 15 1.60 21.10 -12.41
C PRO D 15 0.62 22.26 -12.35
N PRO D 16 -0.68 21.99 -12.45
CA PRO D 16 -1.65 23.10 -12.48
C PRO D 16 -1.62 23.88 -11.18
#